data_7XSW
#
_entry.id   7XSW
#
_cell.length_a   54.639
_cell.length_b   73.599
_cell.length_c   105.615
_cell.angle_alpha   110.527
_cell.angle_beta   92.075
_cell.angle_gamma   97.049
#
_symmetry.space_group_name_H-M   'P 1'
#
loop_
_entity.id
_entity.type
_entity.pdbx_description
1 polymer 'S309 Heavy Chain'
2 polymer 'S309 Lambda Chain'
3 polymer 'Spike protein S1'
4 branched 2-acetamido-2-deoxy-beta-D-glucopyranose-(1-4)-[alpha-L-fucopyranose-(1-6)]2-acetamido-2-deoxy-beta-D-glucopyranose
#
loop_
_entity_poly.entity_id
_entity_poly.type
_entity_poly.pdbx_seq_one_letter_code
_entity_poly.pdbx_strand_id
1 'polypeptide(L)'
;QVQLVQSGAEVKKPGASVKVSCKASGYPFTSYGISWVRQAPGQGLEWMGWISTYNGNTNYAQKFQGRVTMTTDTSTTTGY
MELRRLRSDDTAVYYCARDYTRGAWFGESLIGGFDNWGQGTLVTVSSASTKGPSVFPLAPSSKSTSGGTAALGCLVKDYF
PEPVTVSWNSGALTSGVHTFPAVLQSSGLYSLSSVVTVPSSSLGTQTYICNVNHKPSNTKVDKRVEPKSCDKTHTCP
;
H,A
2 'polypeptide(L)'
;EIVLTQSPGTLSLSPGERATLSCRASQTVSSTSLAWYQQKPGQAPRLLIYGASSRATGIPDRFSGSGSGTDFTLTISRLE
PEDFAVYYCQQHDTSLTFGGGTKVEIKRTVAAPSVFIFPPSDEQLKSGTASVVCLLNNFYPREAKVQWKVDNALQSGNSQ
ESVTEQDSKDSTYSLSSTLTLSKADYEKHKVYACEVTHQGLSSPVTKSFNRGECS
;
L,B
3 'polypeptide(L)'
;RVQPTISIVRFPNITNLCPFGEVFNASKFASVYAWNRKRISNCVADYSVLYNSTSFSTFKCYGVSPTKLNDLCFTNVYAD
SFVVKGDEVRQIAPGQTGVIADYNYKLPDDFTGCVIAWNSVKQDALTGGNYGYLYRLFRKSKLKPFERDISTEIYQAGST
PCNGQVGLNCYYPLERYGFHPTTGVNYQPFRVVVLSFELLNGPATVCGPHHHHHH
;
R,C
#
loop_
_chem_comp.id
_chem_comp.type
_chem_comp.name
_chem_comp.formula
FUC L-saccharide, alpha linking alpha-L-fucopyranose 'C6 H12 O5'
NAG D-saccharide, beta linking 2-acetamido-2-deoxy-beta-D-glucopyranose 'C8 H15 N O6'
#
# COMPACT_ATOMS: atom_id res chain seq x y z
N GLN A 1 2.85 -20.97 9.24
CA GLN A 1 2.22 -20.71 7.95
C GLN A 1 1.31 -21.87 7.55
N VAL A 2 0.16 -21.96 8.23
CA VAL A 2 -0.77 -23.06 8.05
C VAL A 2 -1.82 -22.68 7.03
N GLN A 3 -2.20 -23.63 6.18
CA GLN A 3 -3.23 -23.45 5.18
C GLN A 3 -4.28 -24.54 5.32
N LEU A 4 -5.54 -24.17 5.15
CA LEU A 4 -6.65 -25.11 5.13
C LEU A 4 -7.24 -25.16 3.73
N VAL A 5 -7.35 -26.37 3.18
CA VAL A 5 -7.84 -26.58 1.83
C VAL A 5 -9.09 -27.44 1.89
N GLN A 6 -10.16 -27.01 1.23
CA GLN A 6 -11.44 -27.70 1.23
C GLN A 6 -11.65 -28.41 -0.10
N SER A 7 -12.74 -29.18 -0.17
CA SER A 7 -13.08 -29.91 -1.37
C SER A 7 -13.63 -28.96 -2.44
N GLY A 8 -13.75 -29.49 -3.65
CA GLY A 8 -14.27 -28.70 -4.75
C GLY A 8 -15.77 -28.46 -4.63
N ALA A 9 -16.25 -27.55 -5.48
CA ALA A 9 -17.67 -27.21 -5.47
C ALA A 9 -18.51 -28.40 -5.90
N GLU A 10 -19.55 -28.70 -5.11
CA GLU A 10 -20.44 -29.81 -5.39
C GLU A 10 -21.88 -29.32 -5.28
N VAL A 11 -22.69 -29.61 -6.30
CA VAL A 11 -24.08 -29.18 -6.35
C VAL A 11 -24.98 -30.40 -6.20
N LYS A 12 -26.13 -30.19 -5.57
CA LYS A 12 -27.09 -31.26 -5.32
C LYS A 12 -28.49 -30.76 -5.63
N LYS A 13 -29.43 -31.68 -5.59
CA LYS A 13 -30.86 -31.39 -5.63
C LYS A 13 -31.41 -31.37 -4.21
N PRO A 14 -32.62 -30.84 -4.01
CA PRO A 14 -33.17 -30.82 -2.64
C PRO A 14 -33.52 -32.19 -2.11
N GLY A 15 -32.57 -33.12 -2.23
CA GLY A 15 -32.70 -34.48 -1.74
C GLY A 15 -31.71 -34.82 -0.65
N ALA A 16 -30.64 -35.51 -1.04
CA ALA A 16 -29.64 -36.03 -0.11
C ALA A 16 -28.69 -34.91 0.31
N SER A 17 -27.60 -35.31 0.96
CA SER A 17 -26.67 -34.38 1.59
C SER A 17 -25.41 -34.18 0.76
N VAL A 18 -24.69 -33.12 1.06
CA VAL A 18 -23.38 -32.85 0.48
C VAL A 18 -22.35 -32.89 1.61
N LYS A 19 -21.14 -33.35 1.27
CA LYS A 19 -20.07 -33.50 2.24
C LYS A 19 -18.84 -32.72 1.77
N VAL A 20 -18.22 -32.01 2.71
CA VAL A 20 -17.06 -31.17 2.41
C VAL A 20 -15.90 -31.62 3.29
N SER A 21 -14.75 -31.85 2.68
CA SER A 21 -13.53 -32.15 3.41
C SER A 21 -12.74 -30.87 3.66
N CYS A 22 -11.85 -30.92 4.65
CA CYS A 22 -11.05 -29.76 5.01
C CYS A 22 -9.76 -30.26 5.66
N LYS A 23 -8.67 -30.28 4.89
CA LYS A 23 -7.38 -30.75 5.37
C LYS A 23 -6.51 -29.55 5.73
N ALA A 24 -5.88 -29.62 6.91
CA ALA A 24 -5.03 -28.55 7.41
C ALA A 24 -3.60 -29.05 7.58
N SER A 25 -2.66 -28.13 7.44
CA SER A 25 -1.24 -28.46 7.54
C SER A 25 -0.47 -27.22 7.98
N GLY A 26 0.22 -27.33 9.12
CA GLY A 26 1.01 -26.23 9.63
C GLY A 26 0.91 -26.06 11.13
N TYR A 27 -0.06 -26.73 11.74
CA TYR A 27 -0.28 -26.69 13.17
C TYR A 27 -0.66 -28.08 13.65
N PRO A 28 -0.45 -28.38 14.93
CA PRO A 28 -0.89 -29.68 15.46
C PRO A 28 -2.40 -29.82 15.36
N PHE A 29 -2.85 -30.74 14.50
CA PHE A 29 -4.26 -30.81 14.14
C PHE A 29 -5.15 -31.09 15.35
N THR A 30 -4.64 -31.83 16.34
CA THR A 30 -5.40 -32.18 17.53
C THR A 30 -5.28 -31.13 18.63
N SER A 31 -4.55 -30.04 18.39
CA SER A 31 -4.42 -29.00 19.39
C SER A 31 -5.48 -27.91 19.27
N TYR A 32 -5.95 -27.63 18.06
CA TYR A 32 -6.97 -26.62 17.82
C TYR A 32 -8.20 -27.27 17.18
N GLY A 33 -9.37 -26.72 17.50
CA GLY A 33 -10.62 -27.22 16.96
C GLY A 33 -10.94 -26.65 15.59
N ILE A 34 -12.07 -27.07 15.06
CA ILE A 34 -12.55 -26.64 13.74
C ILE A 34 -13.97 -26.10 13.88
N SER A 35 -14.25 -25.02 13.15
CA SER A 35 -15.57 -24.41 13.13
C SER A 35 -16.02 -24.23 11.69
N TRP A 36 -17.34 -24.16 11.51
CA TRP A 36 -17.93 -24.04 10.18
C TRP A 36 -18.91 -22.88 10.17
N VAL A 37 -18.84 -22.07 9.11
CA VAL A 37 -19.69 -20.90 8.94
C VAL A 37 -20.30 -20.93 7.54
N ARG A 38 -21.59 -20.63 7.46
CA ARG A 38 -22.34 -20.65 6.21
C ARG A 38 -22.65 -19.23 5.78
N GLN A 39 -22.43 -18.92 4.50
CA GLN A 39 -22.68 -17.59 3.94
C GLN A 39 -23.44 -17.73 2.63
N ALA A 40 -24.73 -17.42 2.67
CA ALA A 40 -25.52 -17.40 1.45
C ALA A 40 -25.09 -16.24 0.55
N PRO A 41 -25.28 -16.37 -0.76
CA PRO A 41 -24.92 -15.27 -1.66
C PRO A 41 -25.68 -13.99 -1.30
N GLY A 42 -24.96 -12.87 -1.31
CA GLY A 42 -25.55 -11.60 -0.95
C GLY A 42 -25.89 -11.43 0.51
N GLN A 43 -25.46 -12.35 1.37
CA GLN A 43 -25.77 -12.34 2.78
C GLN A 43 -24.48 -12.28 3.59
N GLY A 44 -24.63 -12.28 4.91
CA GLY A 44 -23.52 -12.29 5.83
C GLY A 44 -23.12 -13.69 6.25
N LEU A 45 -22.34 -13.76 7.32
CA LEU A 45 -21.86 -15.03 7.85
C LEU A 45 -22.85 -15.59 8.87
N GLU A 46 -23.16 -16.88 8.74
CA GLU A 46 -24.04 -17.58 9.66
C GLU A 46 -23.29 -18.80 10.20
N TRP A 47 -23.15 -18.88 11.52
CA TRP A 47 -22.41 -19.97 12.13
C TRP A 47 -23.17 -21.29 12.01
N MET A 48 -22.42 -22.39 11.94
CA MET A 48 -22.99 -23.71 11.76
C MET A 48 -22.73 -24.64 12.95
N GLY A 49 -21.48 -24.73 13.40
CA GLY A 49 -21.19 -25.63 14.50
C GLY A 49 -19.72 -25.59 14.86
N TRP A 50 -19.34 -26.48 15.77
CA TRP A 50 -17.97 -26.58 16.26
C TRP A 50 -17.67 -28.03 16.60
N ILE A 51 -16.42 -28.42 16.40
CA ILE A 51 -15.99 -29.80 16.67
C ILE A 51 -14.62 -29.76 17.35
N SER A 52 -14.39 -30.76 18.21
CA SER A 52 -13.11 -30.94 18.89
C SER A 52 -12.30 -32.00 18.16
N THR A 53 -11.08 -31.66 17.76
CA THR A 53 -10.22 -32.58 17.04
C THR A 53 -9.55 -33.60 17.96
N TYR A 54 -9.67 -33.44 19.27
CA TYR A 54 -9.05 -34.34 20.23
C TYR A 54 -10.04 -35.33 20.84
N ASN A 55 -11.18 -34.85 21.33
CA ASN A 55 -12.17 -35.72 21.94
C ASN A 55 -13.33 -36.08 21.01
N GLY A 56 -13.60 -35.25 20.00
CA GLY A 56 -14.67 -35.52 19.06
C GLY A 56 -16.01 -34.93 19.41
N ASN A 57 -16.13 -34.25 20.55
CA ASN A 57 -17.39 -33.62 20.92
C ASN A 57 -17.74 -32.51 19.93
N THR A 58 -19.04 -32.39 19.64
CA THR A 58 -19.53 -31.44 18.66
C THR A 58 -20.53 -30.48 19.33
N ASN A 59 -20.45 -29.21 18.96
CA ASN A 59 -21.38 -28.18 19.42
C ASN A 59 -21.99 -27.53 18.19
N TYR A 60 -23.08 -28.12 17.69
CA TYR A 60 -23.77 -27.59 16.53
C TYR A 60 -24.61 -26.38 16.91
N ALA A 61 -24.93 -25.56 15.92
CA ALA A 61 -25.80 -24.42 16.15
C ALA A 61 -27.24 -24.88 16.40
N GLN A 62 -28.03 -23.96 16.96
CA GLN A 62 -29.42 -24.29 17.29
C GLN A 62 -30.24 -24.64 16.06
N LYS A 63 -29.95 -24.00 14.92
CA LYS A 63 -30.72 -24.26 13.71
C LYS A 63 -30.54 -25.69 13.23
N PHE A 64 -29.31 -26.21 13.28
CA PHE A 64 -28.98 -27.51 12.70
C PHE A 64 -29.01 -28.64 13.71
N GLN A 65 -29.76 -28.48 14.81
CA GLN A 65 -29.87 -29.53 15.81
C GLN A 65 -30.75 -30.65 15.25
N GLY A 66 -30.11 -31.68 14.71
CA GLY A 66 -30.80 -32.79 14.08
C GLY A 66 -30.55 -32.94 12.59
N ARG A 67 -29.79 -32.05 11.97
CA ARG A 67 -29.51 -32.12 10.54
C ARG A 67 -28.03 -32.27 10.23
N VAL A 68 -27.17 -31.47 10.85
CA VAL A 68 -25.76 -31.45 10.50
C VAL A 68 -25.01 -32.55 11.25
N THR A 69 -23.96 -33.07 10.61
CA THR A 69 -23.08 -34.07 11.21
C THR A 69 -21.64 -33.70 10.89
N MET A 70 -20.79 -33.65 11.92
CA MET A 70 -19.41 -33.24 11.77
C MET A 70 -18.50 -34.30 12.35
N THR A 71 -17.48 -34.69 11.57
CA THR A 71 -16.48 -35.65 12.01
C THR A 71 -15.11 -35.21 11.52
N THR A 72 -14.07 -35.57 12.27
CA THR A 72 -12.69 -35.29 11.89
C THR A 72 -11.85 -36.55 12.02
N ASP A 73 -10.85 -36.66 11.16
CA ASP A 73 -9.90 -37.78 11.18
C ASP A 73 -8.57 -37.27 11.74
N THR A 74 -8.09 -37.93 12.80
CA THR A 74 -6.85 -37.51 13.43
C THR A 74 -5.63 -37.78 12.56
N SER A 75 -5.73 -38.72 11.61
CA SER A 75 -4.56 -39.13 10.84
C SER A 75 -4.28 -38.15 9.69
N THR A 76 -5.28 -37.89 8.85
CA THR A 76 -5.09 -37.06 7.67
C THR A 76 -5.22 -35.58 7.96
N THR A 77 -5.45 -35.19 9.22
CA THR A 77 -5.63 -33.79 9.61
C THR A 77 -6.76 -33.14 8.81
N THR A 78 -7.81 -33.90 8.56
CA THR A 78 -8.93 -33.48 7.72
C THR A 78 -10.21 -33.48 8.54
N GLY A 79 -10.99 -32.41 8.40
CA GLY A 79 -12.28 -32.30 9.06
C GLY A 79 -13.40 -32.37 8.03
N TYR A 80 -14.41 -33.18 8.34
CA TYR A 80 -15.53 -33.42 7.44
C TYR A 80 -16.78 -32.74 7.96
N MET A 81 -17.67 -32.38 7.03
CA MET A 81 -18.92 -31.70 7.36
C MET A 81 -20.02 -32.21 6.45
N GLU A 82 -21.14 -32.64 7.05
CA GLU A 82 -22.28 -33.15 6.31
C GLU A 82 -23.56 -32.54 6.88
N LEU A 83 -24.44 -32.08 5.99
CA LEU A 83 -25.71 -31.48 6.36
C LEU A 83 -26.84 -32.32 5.77
N ARG A 84 -27.54 -33.07 6.62
CA ARG A 84 -28.60 -33.94 6.15
C ARG A 84 -29.83 -33.13 5.72
N ARG A 87 -31.54 -28.32 1.11
CA ARG A 87 -32.66 -27.56 0.55
C ARG A 87 -32.10 -26.43 -0.30
N SER A 88 -32.96 -25.88 -1.16
CA SER A 88 -32.60 -24.69 -1.92
C SER A 88 -32.38 -23.50 -1.00
N ASP A 89 -32.93 -23.54 0.21
CA ASP A 89 -32.67 -22.49 1.20
C ASP A 89 -31.24 -22.52 1.70
N ASP A 90 -30.55 -23.66 1.59
CA ASP A 90 -29.20 -23.82 2.10
C ASP A 90 -28.13 -23.58 1.05
N THR A 91 -28.50 -23.10 -0.13
CA THR A 91 -27.52 -22.78 -1.17
C THR A 91 -26.60 -21.67 -0.68
N ALA A 92 -25.32 -21.97 -0.49
CA ALA A 92 -24.38 -21.03 0.09
C ALA A 92 -22.97 -21.53 -0.16
N VAL A 93 -22.00 -20.79 0.37
CA VAL A 93 -20.59 -21.19 0.34
C VAL A 93 -20.20 -21.58 1.76
N TYR A 94 -19.74 -22.81 1.94
CA TYR A 94 -19.44 -23.34 3.26
C TYR A 94 -17.96 -23.15 3.55
N TYR A 95 -17.65 -22.42 4.62
CA TYR A 95 -16.29 -22.11 5.00
C TYR A 95 -15.80 -23.04 6.11
N CYS A 96 -14.49 -23.28 6.10
CA CYS A 96 -13.83 -24.09 7.12
C CYS A 96 -12.71 -23.27 7.73
N ALA A 97 -12.68 -23.20 9.06
CA ALA A 97 -11.73 -22.34 9.76
C ALA A 97 -11.22 -23.05 11.01
N ARG A 98 -10.07 -22.58 11.48
CA ARG A 98 -9.46 -23.08 12.71
C ARG A 98 -10.01 -22.32 13.89
N ASP A 99 -10.50 -23.05 14.89
CA ASP A 99 -11.20 -22.47 16.02
C ASP A 99 -10.27 -22.29 17.22
N TYR A 100 -10.38 -21.14 17.87
CA TYR A 100 -9.69 -20.86 19.12
C TYR A 100 -10.65 -20.25 20.14
N THR A 101 -11.92 -20.67 20.11
CA THR A 101 -12.94 -20.12 20.98
C THR A 101 -13.57 -21.12 21.93
N ARG A 102 -13.28 -22.42 21.79
CA ARG A 102 -13.90 -23.42 22.64
C ARG A 102 -12.92 -24.47 23.17
N GLY A 103 -11.70 -24.55 22.64
CA GLY A 103 -10.71 -25.45 23.18
C GLY A 103 -10.84 -26.87 22.67
N ALA A 104 -9.73 -27.50 22.30
CA ALA A 104 -9.78 -28.83 21.71
C ALA A 104 -9.81 -29.93 22.75
N TRP A 105 -9.05 -29.77 23.83
CA TRP A 105 -8.91 -30.83 24.83
C TRP A 105 -10.03 -30.80 25.87
N PHE A 106 -10.24 -29.65 26.51
CA PHE A 106 -11.17 -29.57 27.64
C PHE A 106 -12.57 -29.17 27.19
N GLY A 107 -12.69 -28.00 26.57
CA GLY A 107 -14.00 -27.55 26.10
C GLY A 107 -14.48 -26.27 26.75
N GLU A 108 -13.57 -25.41 27.18
CA GLU A 108 -13.91 -24.14 27.78
C GLU A 108 -13.66 -23.00 26.80
N SER A 109 -14.41 -21.91 26.97
CA SER A 109 -14.26 -20.74 26.11
C SER A 109 -12.86 -20.15 26.26
N LEU A 110 -12.26 -19.80 25.14
CA LEU A 110 -10.89 -19.30 25.09
C LEU A 110 -10.86 -17.84 24.66
N ILE A 111 -9.65 -17.28 24.63
CA ILE A 111 -9.42 -15.92 24.17
C ILE A 111 -8.97 -16.02 22.72
N GLY A 112 -9.89 -15.79 21.80
CA GLY A 112 -9.56 -15.88 20.39
C GLY A 112 -10.81 -15.84 19.53
N GLY A 113 -10.58 -16.01 18.24
CA GLY A 113 -11.64 -16.07 17.25
C GLY A 113 -11.44 -17.23 16.31
N PHE A 114 -11.71 -17.00 15.03
CA PHE A 114 -11.48 -17.98 13.99
C PHE A 114 -10.39 -17.46 13.07
N ASP A 115 -9.34 -18.26 12.87
CA ASP A 115 -8.20 -17.86 12.08
C ASP A 115 -7.89 -18.93 11.03
N ASN A 116 -7.25 -18.49 9.94
CA ASN A 116 -6.84 -19.37 8.85
C ASN A 116 -8.04 -20.11 8.25
N TRP A 117 -8.95 -19.32 7.69
CA TRP A 117 -10.14 -19.87 7.06
C TRP A 117 -9.79 -20.56 5.74
N GLY A 118 -10.64 -21.51 5.36
CA GLY A 118 -10.49 -22.15 4.06
C GLY A 118 -11.04 -21.29 2.95
N GLN A 119 -10.84 -21.76 1.71
CA GLN A 119 -11.29 -21.00 0.55
C GLN A 119 -12.80 -21.02 0.39
N GLY A 120 -13.49 -21.95 1.05
CA GLY A 120 -14.94 -22.02 0.95
C GLY A 120 -15.42 -22.91 -0.18
N THR A 121 -16.22 -23.92 0.14
CA THR A 121 -16.76 -24.84 -0.86
C THR A 121 -18.11 -24.33 -1.33
N LEU A 122 -18.24 -24.13 -2.64
CA LEU A 122 -19.48 -23.63 -3.22
C LEU A 122 -20.48 -24.78 -3.32
N VAL A 123 -21.60 -24.67 -2.60
CA VAL A 123 -22.64 -25.69 -2.59
C VAL A 123 -23.94 -25.03 -3.05
N THR A 124 -24.45 -25.48 -4.18
CA THR A 124 -25.71 -24.97 -4.74
C THR A 124 -26.72 -26.11 -4.79
N VAL A 125 -27.90 -25.86 -4.25
CA VAL A 125 -28.98 -26.85 -4.24
C VAL A 125 -30.13 -26.27 -5.04
N SER A 126 -30.43 -26.90 -6.17
CA SER A 126 -31.54 -26.47 -7.03
C SER A 126 -31.95 -27.65 -7.89
N SER A 127 -33.26 -27.79 -8.12
CA SER A 127 -33.80 -28.87 -8.92
C SER A 127 -33.53 -28.71 -10.41
N ALA A 128 -32.77 -27.71 -10.82
CA ALA A 128 -32.49 -27.48 -12.24
C ALA A 128 -31.44 -28.46 -12.75
N SER A 129 -31.14 -28.35 -14.04
CA SER A 129 -30.15 -29.20 -14.69
C SER A 129 -29.29 -28.35 -15.61
N THR A 130 -28.11 -28.87 -15.93
CA THR A 130 -27.15 -28.12 -16.73
C THR A 130 -27.70 -27.82 -18.12
N LYS A 131 -27.53 -26.58 -18.55
CA LYS A 131 -27.99 -26.15 -19.87
C LYS A 131 -27.03 -25.08 -20.38
N GLY A 132 -26.82 -25.08 -21.70
CA GLY A 132 -25.90 -24.16 -22.32
C GLY A 132 -26.36 -22.73 -22.28
N PRO A 133 -25.44 -21.79 -22.53
CA PRO A 133 -25.80 -20.37 -22.49
C PRO A 133 -26.56 -19.95 -23.74
N SER A 134 -27.73 -19.33 -23.54
CA SER A 134 -28.54 -18.80 -24.64
C SER A 134 -28.08 -17.36 -24.91
N VAL A 135 -26.97 -17.25 -25.61
CA VAL A 135 -26.37 -15.95 -25.87
C VAL A 135 -27.13 -15.23 -26.97
N PHE A 136 -27.55 -13.99 -26.71
CA PHE A 136 -28.22 -13.16 -27.68
C PHE A 136 -27.52 -11.81 -27.73
N PRO A 137 -27.24 -11.27 -28.91
CA PRO A 137 -26.50 -10.02 -29.01
C PRO A 137 -27.38 -8.80 -28.78
N LEU A 138 -26.85 -7.84 -28.05
CA LEU A 138 -27.49 -6.54 -27.85
C LEU A 138 -26.78 -5.52 -28.73
N ALA A 139 -27.49 -4.96 -29.71
CA ALA A 139 -26.83 -4.13 -30.69
C ALA A 139 -27.05 -2.65 -30.41
N PRO A 140 -26.08 -1.81 -30.76
CA PRO A 140 -26.27 -0.36 -30.60
C PRO A 140 -27.08 0.23 -31.75
N SER A 141 -27.58 1.44 -31.51
CA SER A 141 -28.33 2.17 -32.51
C SER A 141 -28.09 3.67 -32.28
N SER A 142 -28.93 4.51 -32.87
CA SER A 142 -28.78 5.96 -32.72
C SER A 142 -28.99 6.39 -31.27
N GLY A 148 -20.46 10.46 -27.89
CA GLY A 148 -19.32 9.86 -28.54
C GLY A 148 -18.98 8.46 -28.07
N THR A 149 -19.84 7.86 -27.25
CA THR A 149 -19.61 6.52 -26.70
C THR A 149 -20.79 5.63 -27.04
N ALA A 150 -20.51 4.40 -27.44
CA ALA A 150 -21.52 3.42 -27.79
C ALA A 150 -21.60 2.35 -26.70
N ALA A 151 -22.51 1.41 -26.90
CA ALA A 151 -22.71 0.32 -25.93
C ALA A 151 -23.30 -0.88 -26.65
N LEU A 152 -22.81 -2.06 -26.29
CA LEU A 152 -23.32 -3.31 -26.83
C LEU A 152 -22.98 -4.42 -25.84
N GLY A 153 -23.74 -5.50 -25.91
CA GLY A 153 -23.54 -6.58 -24.96
C GLY A 153 -24.13 -7.89 -25.43
N CYS A 154 -23.90 -8.92 -24.63
CA CYS A 154 -24.41 -10.27 -24.88
C CYS A 154 -25.20 -10.72 -23.67
N LEU A 155 -26.40 -11.24 -23.91
CA LEU A 155 -27.30 -11.67 -22.84
C LEU A 155 -27.23 -13.18 -22.71
N VAL A 156 -26.76 -13.66 -21.57
CA VAL A 156 -26.71 -15.09 -21.26
C VAL A 156 -27.94 -15.42 -20.43
N LYS A 157 -28.78 -16.31 -20.95
CA LYS A 157 -30.06 -16.63 -20.33
C LYS A 157 -30.27 -18.13 -20.30
N ASP A 158 -31.07 -18.58 -19.32
CA ASP A 158 -31.47 -19.98 -19.19
C ASP A 158 -30.25 -20.90 -19.12
N TYR A 159 -29.28 -20.54 -18.29
CA TYR A 159 -28.07 -21.32 -18.11
C TYR A 159 -27.88 -21.63 -16.64
N PHE A 160 -27.25 -22.77 -16.37
CA PHE A 160 -27.04 -23.28 -15.02
C PHE A 160 -26.03 -24.41 -15.08
N PRO A 161 -25.06 -24.49 -14.15
CA PRO A 161 -24.83 -23.53 -13.07
C PRO A 161 -23.76 -22.50 -13.38
N GLU A 162 -23.52 -21.60 -12.43
CA GLU A 162 -22.46 -20.61 -12.54
C GLU A 162 -21.10 -21.28 -12.38
N PRO A 163 -20.01 -20.63 -12.84
CA PRO A 163 -19.91 -19.32 -13.47
C PRO A 163 -19.70 -19.35 -14.99
N VAL A 164 -19.57 -18.17 -15.58
CA VAL A 164 -19.25 -18.02 -17.00
C VAL A 164 -18.22 -16.91 -17.12
N THR A 165 -17.21 -17.13 -17.96
CA THR A 165 -16.16 -16.16 -18.21
C THR A 165 -16.43 -15.46 -19.54
N VAL A 166 -16.46 -14.13 -19.51
CA VAL A 166 -16.79 -13.32 -20.68
C VAL A 166 -15.64 -12.37 -20.96
N SER A 167 -15.17 -12.37 -22.21
CA SER A 167 -14.14 -11.45 -22.66
C SER A 167 -14.48 -10.96 -24.06
N TRP A 168 -13.89 -9.84 -24.44
CA TRP A 168 -14.13 -9.22 -25.73
C TRP A 168 -12.86 -9.26 -26.56
N ASN A 169 -12.98 -9.65 -27.83
CA ASN A 169 -11.85 -9.80 -28.74
C ASN A 169 -10.79 -10.73 -28.17
N SER A 170 -11.25 -11.83 -27.56
CA SER A 170 -10.37 -12.84 -26.95
C SER A 170 -9.48 -12.22 -25.88
N GLY A 171 -10.03 -11.28 -25.12
CA GLY A 171 -9.30 -10.66 -24.04
C GLY A 171 -8.51 -9.42 -24.39
N ALA A 172 -8.55 -8.98 -25.65
CA ALA A 172 -7.79 -7.78 -26.03
C ALA A 172 -8.44 -6.53 -25.48
N LEU A 173 -9.78 -6.49 -25.44
CA LEU A 173 -10.51 -5.31 -24.97
C LEU A 173 -10.68 -5.42 -23.45
N THR A 174 -9.74 -4.81 -22.72
CA THR A 174 -9.72 -4.86 -21.27
C THR A 174 -10.36 -3.64 -20.61
N SER A 175 -10.76 -2.63 -21.40
CA SER A 175 -11.29 -1.39 -20.87
C SER A 175 -12.77 -1.26 -21.22
N GLY A 176 -13.58 -0.87 -20.24
CA GLY A 176 -15.00 -0.66 -20.44
C GLY A 176 -15.87 -1.87 -20.27
N VAL A 177 -15.28 -3.07 -20.25
CA VAL A 177 -16.06 -4.29 -20.10
C VAL A 177 -16.55 -4.42 -18.67
N HIS A 178 -17.84 -4.68 -18.50
CA HIS A 178 -18.45 -4.81 -17.18
C HIS A 178 -19.39 -6.01 -17.20
N THR A 179 -18.97 -7.10 -16.58
CA THR A 179 -19.79 -8.30 -16.48
C THR A 179 -20.62 -8.23 -15.20
N PHE A 180 -21.94 -8.17 -15.35
CA PHE A 180 -22.82 -8.02 -14.21
C PHE A 180 -22.96 -9.35 -13.45
N PRO A 181 -23.17 -9.29 -12.15
CA PRO A 181 -23.43 -10.51 -11.39
C PRO A 181 -24.71 -11.19 -11.86
N ALA A 182 -24.71 -12.51 -11.80
CA ALA A 182 -25.88 -13.28 -12.23
C ALA A 182 -27.03 -13.12 -11.26
N VAL A 183 -28.24 -13.30 -11.77
CA VAL A 183 -29.46 -13.19 -10.98
C VAL A 183 -30.26 -14.47 -11.16
N LEU A 184 -30.91 -14.92 -10.08
CA LEU A 184 -31.73 -16.12 -10.12
C LEU A 184 -33.10 -15.77 -10.68
N GLN A 185 -33.40 -16.29 -11.87
CA GLN A 185 -34.71 -16.08 -12.46
C GLN A 185 -35.78 -16.82 -11.66
N SER A 186 -36.98 -16.24 -11.62
CA SER A 186 -38.08 -16.87 -10.90
C SER A 186 -38.45 -18.22 -11.47
N SER A 187 -38.12 -18.48 -12.74
CA SER A 187 -38.33 -19.80 -13.31
C SER A 187 -37.47 -20.84 -12.62
N GLY A 188 -36.22 -20.52 -12.32
CA GLY A 188 -35.35 -21.42 -11.61
C GLY A 188 -33.91 -21.44 -12.11
N LEU A 189 -33.67 -20.82 -13.26
CA LEU A 189 -32.35 -20.81 -13.87
C LEU A 189 -31.65 -19.48 -13.61
N TYR A 190 -30.41 -19.39 -14.06
CA TYR A 190 -29.60 -18.19 -13.89
C TYR A 190 -29.63 -17.32 -15.15
N SER A 191 -29.40 -16.03 -14.97
CA SER A 191 -29.33 -15.08 -16.07
C SER A 191 -28.25 -14.06 -15.77
N LEU A 192 -27.49 -13.68 -16.80
CA LEU A 192 -26.36 -12.79 -16.63
C LEU A 192 -26.18 -11.95 -17.88
N SER A 193 -25.62 -10.75 -17.70
CA SER A 193 -25.37 -9.82 -18.80
C SER A 193 -23.94 -9.33 -18.73
N SER A 194 -23.47 -8.78 -19.86
CA SER A 194 -22.11 -8.25 -19.94
C SER A 194 -22.08 -7.22 -21.07
N VAL A 195 -21.64 -6.01 -20.75
CA VAL A 195 -21.60 -4.91 -21.71
C VAL A 195 -20.20 -4.31 -21.74
N VAL A 196 -20.01 -3.38 -22.68
CA VAL A 196 -18.72 -2.71 -22.84
C VAL A 196 -18.99 -1.35 -23.51
N THR A 197 -18.13 -0.38 -23.22
CA THR A 197 -18.23 0.96 -23.79
C THR A 197 -17.16 1.15 -24.86
N VAL A 198 -17.59 1.52 -26.05
CA VAL A 198 -16.68 1.73 -27.18
C VAL A 198 -16.95 3.10 -27.78
N PRO A 199 -15.97 3.71 -28.45
CA PRO A 199 -16.23 5.00 -29.11
C PRO A 199 -17.27 4.86 -30.22
N SER A 200 -18.04 5.92 -30.43
CA SER A 200 -19.07 5.91 -31.45
C SER A 200 -18.49 5.92 -32.86
N SER A 201 -17.24 6.36 -33.03
CA SER A 201 -16.61 6.39 -34.34
C SER A 201 -16.15 5.01 -34.80
N SER A 202 -15.88 4.10 -33.87
CA SER A 202 -15.37 2.78 -34.21
C SER A 202 -16.46 1.75 -34.45
N LEU A 203 -17.73 2.15 -34.40
CA LEU A 203 -18.82 1.19 -34.60
C LEU A 203 -18.80 0.61 -36.00
N GLY A 204 -18.56 1.43 -37.02
CA GLY A 204 -18.64 1.00 -38.40
C GLY A 204 -17.39 0.38 -38.97
N THR A 205 -16.26 0.46 -38.29
CA THR A 205 -14.99 -0.06 -38.80
C THR A 205 -14.31 -0.95 -37.76
N GLN A 206 -15.09 -1.77 -37.07
CA GLN A 206 -14.53 -2.67 -36.06
C GLN A 206 -15.51 -3.81 -35.83
N THR A 207 -14.98 -4.97 -35.43
CA THR A 207 -15.77 -6.14 -35.14
C THR A 207 -15.70 -6.44 -33.64
N TYR A 208 -16.85 -6.52 -32.99
CA TYR A 208 -16.94 -6.85 -31.58
C TYR A 208 -17.66 -8.18 -31.43
N ILE A 209 -17.01 -9.13 -30.74
CA ILE A 209 -17.55 -10.46 -30.54
C ILE A 209 -17.36 -10.84 -29.08
N CYS A 210 -18.43 -11.34 -28.44
CA CYS A 210 -18.37 -11.76 -27.05
C CYS A 210 -18.04 -13.25 -26.96
N ASN A 211 -17.21 -13.59 -25.97
CA ASN A 211 -16.84 -14.98 -25.71
C ASN A 211 -17.55 -15.44 -24.44
N VAL A 212 -18.28 -16.55 -24.53
CA VAL A 212 -19.04 -17.10 -23.42
C VAL A 212 -18.56 -18.53 -23.17
N ASN A 213 -18.26 -18.85 -21.92
CA ASN A 213 -17.72 -20.15 -21.53
C ASN A 213 -18.49 -20.67 -20.32
N HIS A 214 -19.48 -21.52 -20.56
CA HIS A 214 -20.17 -22.24 -19.50
C HIS A 214 -19.52 -23.61 -19.36
N LYS A 215 -18.76 -23.79 -18.26
CA LYS A 215 -17.88 -24.96 -18.18
C LYS A 215 -18.62 -26.27 -18.15
N PRO A 216 -19.63 -26.51 -17.28
CA PRO A 216 -20.25 -27.85 -17.27
C PRO A 216 -21.26 -28.04 -18.39
N SER A 217 -20.97 -27.53 -19.58
CA SER A 217 -21.69 -27.94 -20.78
C SER A 217 -20.81 -27.98 -22.02
N VAL A 221 -19.15 -20.38 -26.98
CA VAL A 221 -19.99 -19.79 -28.03
C VAL A 221 -19.47 -18.40 -28.36
N ASP A 222 -19.33 -18.13 -29.66
CA ASP A 222 -19.02 -16.80 -30.16
C ASP A 222 -20.26 -16.24 -30.86
N LYS A 223 -20.54 -14.95 -30.63
CA LYS A 223 -21.72 -14.31 -31.18
C LYS A 223 -21.34 -12.95 -31.72
N ARG A 224 -21.54 -12.75 -33.03
CA ARG A 224 -21.29 -11.45 -33.63
C ARG A 224 -22.37 -10.46 -33.23
N VAL A 225 -21.97 -9.21 -33.02
CA VAL A 225 -22.89 -8.13 -32.65
C VAL A 225 -22.69 -7.03 -33.67
N GLU A 226 -23.48 -7.04 -34.76
CA GLU A 226 -23.42 -5.96 -35.73
C GLU A 226 -24.35 -4.83 -35.33
N PRO A 227 -24.07 -3.59 -35.74
CA PRO A 227 -24.98 -2.49 -35.44
C PRO A 227 -26.36 -2.74 -36.05
N LYS A 228 -27.39 -2.39 -35.28
CA LYS A 228 -28.76 -2.58 -35.72
C LYS A 228 -29.16 -1.53 -36.72
N SER A 229 -30.00 -1.93 -37.68
CA SER A 229 -30.52 -1.03 -38.71
C SER A 229 -32.04 -0.90 -38.64
N CYS A 230 -32.76 -2.01 -38.55
CA CYS A 230 -34.21 -2.02 -38.49
C CYS A 230 -34.84 -1.27 -39.67
N GLU B 1 -31.00 -15.48 22.70
CA GLU B 1 -29.59 -15.41 22.31
C GLU B 1 -29.06 -13.99 22.46
N ILE B 2 -27.75 -13.84 22.31
CA ILE B 2 -27.11 -12.53 22.26
C ILE B 2 -26.99 -12.13 20.80
N VAL B 3 -27.70 -11.06 20.42
CA VAL B 3 -27.77 -10.64 19.02
C VAL B 3 -26.83 -9.46 18.82
N LEU B 4 -25.98 -9.57 17.80
CA LEU B 4 -25.01 -8.53 17.47
C LEU B 4 -25.59 -7.66 16.35
N THR B 5 -25.91 -6.41 16.67
CA THR B 5 -26.50 -5.47 15.74
C THR B 5 -25.44 -4.44 15.35
N GLN B 6 -25.03 -4.45 14.09
CA GLN B 6 -24.04 -3.51 13.59
C GLN B 6 -24.74 -2.37 12.86
N SER B 7 -24.17 -1.17 12.97
CA SER B 7 -24.72 0.01 12.33
C SER B 7 -23.59 1.01 12.11
N PRO B 8 -23.55 1.69 10.96
CA PRO B 8 -24.51 1.56 9.85
C PRO B 8 -24.27 0.31 9.01
N GLY B 9 -25.28 -0.11 8.25
CA GLY B 9 -25.13 -1.29 7.41
C GLY B 9 -24.07 -1.09 6.33
N THR B 10 -23.98 0.11 5.78
CA THR B 10 -22.99 0.44 4.76
C THR B 10 -22.29 1.73 5.15
N LEU B 11 -20.96 1.71 5.14
CA LEU B 11 -20.15 2.88 5.48
C LEU B 11 -19.46 3.38 4.21
N SER B 12 -19.34 4.71 4.10
CA SER B 12 -18.73 5.34 2.94
C SER B 12 -17.75 6.40 3.40
N LEU B 13 -16.45 6.15 3.21
CA LEU B 13 -15.40 7.10 3.55
C LEU B 13 -14.34 7.07 2.48
N SER B 14 -13.82 8.25 2.14
CA SER B 14 -12.78 8.35 1.13
C SER B 14 -11.47 7.76 1.65
N PRO B 15 -10.59 7.31 0.74
CA PRO B 15 -9.30 6.76 1.19
C PRO B 15 -8.48 7.79 1.96
N GLY B 16 -8.12 7.43 3.18
CA GLY B 16 -7.39 8.31 4.08
C GLY B 16 -8.19 8.76 5.28
N GLU B 17 -9.52 8.59 5.26
CA GLU B 17 -10.35 8.98 6.39
C GLU B 17 -10.26 7.95 7.51
N ARG B 18 -10.78 8.33 8.67
CA ARG B 18 -10.82 7.45 9.84
C ARG B 18 -12.19 6.80 9.94
N ALA B 19 -12.19 5.48 10.11
CA ALA B 19 -13.43 4.69 10.19
C ALA B 19 -13.64 4.19 11.62
N THR B 20 -14.88 4.30 12.09
CA THR B 20 -15.26 3.84 13.43
C THR B 20 -16.48 2.94 13.29
N LEU B 21 -16.23 1.65 13.09
CA LEU B 21 -17.30 0.65 12.96
C LEU B 21 -17.65 0.12 14.34
N SER B 22 -18.94 0.07 14.64
CA SER B 22 -19.42 -0.31 15.96
C SER B 22 -20.24 -1.59 15.89
N CYS B 23 -20.15 -2.38 16.95
CA CYS B 23 -20.94 -3.60 17.11
C CYS B 23 -21.69 -3.52 18.44
N ARG B 24 -22.99 -3.76 18.40
CA ARG B 24 -23.86 -3.66 19.56
C ARG B 24 -24.48 -5.01 19.86
N ALA B 25 -24.51 -5.38 21.13
CA ALA B 25 -25.01 -6.67 21.59
C ALA B 25 -26.33 -6.50 22.33
N SER B 26 -27.25 -7.44 22.11
CA SER B 26 -28.53 -7.42 22.80
C SER B 26 -28.41 -7.74 24.29
N GLN B 27 -27.25 -8.22 24.73
CA GLN B 27 -27.00 -8.51 26.13
C GLN B 27 -25.58 -8.05 26.48
N THR B 28 -25.08 -8.48 27.62
CA THR B 28 -23.72 -8.17 28.06
C THR B 28 -22.83 -9.35 27.71
N VAL B 29 -21.95 -9.16 26.74
CA VAL B 29 -20.99 -10.18 26.32
C VAL B 29 -19.68 -9.94 27.05
N SER B 30 -19.01 -11.03 27.43
CA SER B 30 -17.71 -10.91 28.08
C SER B 30 -16.73 -10.19 27.18
N SER B 31 -15.87 -9.37 27.77
CA SER B 31 -14.92 -8.56 27.02
C SER B 31 -13.89 -9.41 26.28
N THR B 32 -13.82 -10.70 26.57
CA THR B 32 -12.89 -11.60 25.89
C THR B 32 -13.51 -12.31 24.71
N SER B 33 -14.80 -12.60 24.75
CA SER B 33 -15.46 -13.41 23.72
C SER B 33 -16.11 -12.51 22.67
N LEU B 34 -15.26 -11.84 21.90
CA LEU B 34 -15.73 -10.99 20.80
C LEU B 34 -14.59 -10.84 19.80
N ALA B 35 -14.84 -11.18 18.55
CA ALA B 35 -13.84 -11.14 17.50
C ALA B 35 -14.37 -10.41 16.28
N TRP B 36 -13.50 -9.65 15.63
CA TRP B 36 -13.83 -8.94 14.40
C TRP B 36 -13.22 -9.67 13.20
N TYR B 37 -13.99 -9.73 12.11
CA TYR B 37 -13.57 -10.45 10.92
C TYR B 37 -13.71 -9.54 9.70
N GLN B 38 -12.67 -9.50 8.87
CA GLN B 38 -12.69 -8.78 7.61
C GLN B 38 -12.74 -9.79 6.47
N GLN B 39 -13.60 -9.53 5.49
CA GLN B 39 -13.74 -10.39 4.32
C GLN B 39 -13.72 -9.52 3.07
N LYS B 40 -12.60 -9.53 2.35
CA LYS B 40 -12.56 -8.89 1.05
C LYS B 40 -13.50 -9.62 0.09
N PRO B 41 -14.17 -8.90 -0.80
CA PRO B 41 -15.15 -9.55 -1.69
C PRO B 41 -14.50 -10.65 -2.53
N GLY B 42 -15.21 -11.77 -2.65
CA GLY B 42 -14.70 -12.90 -3.40
C GLY B 42 -13.57 -13.66 -2.72
N GLN B 43 -13.45 -13.55 -1.40
CA GLN B 43 -12.37 -14.21 -0.66
C GLN B 43 -12.94 -14.79 0.63
N ALA B 44 -12.05 -15.23 1.52
CA ALA B 44 -12.38 -15.85 2.79
C ALA B 44 -12.33 -14.83 3.92
N PRO B 45 -13.10 -15.05 4.99
CA PRO B 45 -13.03 -14.16 6.15
C PRO B 45 -11.64 -14.19 6.78
N ARG B 46 -11.22 -13.03 7.27
CA ARG B 46 -9.89 -12.85 7.85
C ARG B 46 -10.03 -12.27 9.25
N LEU B 47 -9.41 -12.92 10.22
CA LEU B 47 -9.53 -12.47 11.61
C LEU B 47 -8.74 -11.20 11.83
N LEU B 48 -9.38 -10.21 12.46
CA LEU B 48 -8.77 -8.92 12.74
C LEU B 48 -8.43 -8.77 14.22
N ILE B 49 -9.41 -8.92 15.10
CA ILE B 49 -9.25 -8.66 16.53
C ILE B 49 -9.85 -9.84 17.29
N TYR B 50 -9.20 -10.24 18.38
CA TYR B 50 -9.74 -11.21 19.31
C TYR B 50 -9.58 -10.67 20.73
N GLY B 51 -10.54 -10.99 21.58
CA GLY B 51 -10.56 -10.38 22.91
C GLY B 51 -11.01 -8.94 22.91
N ALA B 52 -11.54 -8.46 21.79
CA ALA B 52 -12.11 -7.12 21.62
C ALA B 52 -11.03 -6.03 21.59
N SER B 53 -9.78 -6.41 21.87
CA SER B 53 -8.68 -5.46 21.80
C SER B 53 -7.39 -6.00 21.20
N SER B 54 -7.23 -7.32 21.08
CA SER B 54 -5.97 -7.90 20.65
C SER B 54 -6.07 -8.34 19.19
N ARG B 55 -5.12 -7.89 18.38
CA ARG B 55 -5.13 -8.17 16.96
C ARG B 55 -4.44 -9.51 16.66
N ALA B 56 -4.92 -10.17 15.61
CA ALA B 56 -4.32 -11.43 15.19
C ALA B 56 -2.94 -11.18 14.59
N THR B 57 -2.13 -12.24 14.56
CA THR B 57 -0.78 -12.13 14.04
C THR B 57 -0.81 -11.75 12.57
N GLY B 58 -0.03 -10.73 12.22
CA GLY B 58 0.04 -10.22 10.87
C GLY B 58 -0.89 -9.07 10.57
N ILE B 59 -1.89 -8.83 11.42
CA ILE B 59 -2.83 -7.73 11.20
C ILE B 59 -2.10 -6.40 11.43
N PRO B 60 -2.25 -5.43 10.52
CA PRO B 60 -1.55 -4.15 10.70
C PRO B 60 -1.99 -3.37 11.93
N ASP B 61 -1.31 -2.26 12.19
CA ASP B 61 -1.55 -1.48 13.40
C ASP B 61 -2.77 -0.57 13.30
N ARG B 62 -3.20 -0.22 12.08
CA ARG B 62 -4.32 0.70 11.93
C ARG B 62 -5.65 0.08 12.37
N PHE B 63 -5.71 -1.24 12.50
CA PHE B 63 -6.92 -1.93 12.95
C PHE B 63 -6.84 -2.10 14.46
N SER B 64 -7.51 -1.20 15.18
CA SER B 64 -7.53 -1.23 16.65
C SER B 64 -8.97 -1.36 17.12
N GLY B 65 -9.23 -2.36 17.95
CA GLY B 65 -10.56 -2.62 18.47
C GLY B 65 -10.65 -2.24 19.94
N SER B 66 -11.85 -1.91 20.38
CA SER B 66 -12.10 -1.52 21.76
C SER B 66 -13.53 -1.91 22.13
N GLY B 67 -14.00 -1.38 23.24
CA GLY B 67 -15.35 -1.63 23.71
C GLY B 67 -15.37 -2.51 24.95
N SER B 68 -16.50 -2.49 25.64
CA SER B 68 -16.71 -3.28 26.84
C SER B 68 -18.20 -3.27 27.19
N GLY B 69 -18.69 -4.41 27.67
CA GLY B 69 -20.07 -4.51 28.08
C GLY B 69 -21.03 -4.79 26.93
N THR B 70 -21.78 -3.76 26.51
CA THR B 70 -22.75 -3.89 25.43
C THR B 70 -22.35 -3.17 24.15
N ASP B 71 -21.46 -2.17 24.24
CA ASP B 71 -21.04 -1.39 23.08
C ASP B 71 -19.58 -1.68 22.78
N PHE B 72 -19.29 -2.01 21.52
CA PHE B 72 -17.93 -2.32 21.08
C PHE B 72 -17.68 -1.64 19.75
N THR B 73 -16.42 -1.31 19.48
CA THR B 73 -16.05 -0.53 18.30
C THR B 73 -14.74 -1.03 17.73
N LEU B 74 -14.71 -1.18 16.41
CA LEU B 74 -13.48 -1.43 15.66
C LEU B 74 -13.14 -0.17 14.88
N THR B 75 -11.90 0.30 15.01
CA THR B 75 -11.47 1.56 14.43
C THR B 75 -10.34 1.31 13.44
N ILE B 76 -10.52 1.83 12.23
CA ILE B 76 -9.46 1.85 11.21
C ILE B 76 -8.92 3.27 11.17
N SER B 77 -7.71 3.46 11.71
CA SER B 77 -7.18 4.80 11.89
C SER B 77 -6.96 5.50 10.56
N ARG B 78 -6.51 4.77 9.55
CA ARG B 78 -6.19 5.35 8.24
C ARG B 78 -6.63 4.35 7.18
N LEU B 79 -7.77 4.62 6.55
CA LEU B 79 -8.31 3.70 5.55
C LEU B 79 -7.37 3.56 4.37
N GLU B 80 -7.11 2.32 3.98
CA GLU B 80 -6.23 1.97 2.88
C GLU B 80 -7.02 1.33 1.75
N PRO B 81 -6.48 1.31 0.53
CA PRO B 81 -7.23 0.74 -0.59
C PRO B 81 -7.69 -0.68 -0.37
N GLU B 82 -6.89 -1.52 0.30
CA GLU B 82 -7.30 -2.89 0.58
C GLU B 82 -8.21 -3.01 1.80
N ASP B 83 -8.42 -1.92 2.54
CA ASP B 83 -9.26 -1.96 3.72
C ASP B 83 -10.74 -1.86 3.41
N PHE B 84 -11.11 -1.63 2.16
CA PHE B 84 -12.52 -1.48 1.78
C PHE B 84 -13.11 -2.86 1.54
N ALA B 85 -13.78 -3.39 2.55
CA ALA B 85 -14.38 -4.73 2.48
C ALA B 85 -15.61 -4.75 3.39
N VAL B 86 -16.10 -5.94 3.69
CA VAL B 86 -17.24 -6.13 4.59
C VAL B 86 -16.72 -6.72 5.90
N TYR B 87 -17.04 -6.05 7.00
CA TYR B 87 -16.53 -6.42 8.31
C TYR B 87 -17.66 -6.97 9.18
N TYR B 88 -17.30 -7.90 10.08
CA TYR B 88 -18.26 -8.56 10.94
C TYR B 88 -17.73 -8.60 12.37
N CYS B 89 -18.65 -8.72 13.32
CA CYS B 89 -18.33 -8.94 14.72
C CYS B 89 -18.98 -10.23 15.20
N GLN B 90 -18.24 -11.00 16.00
CA GLN B 90 -18.66 -12.32 16.42
C GLN B 90 -18.38 -12.51 17.91
N GLN B 91 -19.39 -12.94 18.66
CA GLN B 91 -19.28 -13.16 20.09
C GLN B 91 -19.58 -14.62 20.42
N HIS B 92 -18.81 -15.20 21.35
CA HIS B 92 -19.02 -16.57 21.79
C HIS B 92 -19.20 -16.65 23.30
N ASP B 93 -19.78 -15.60 23.90
CA ASP B 93 -20.14 -15.68 25.32
C ASP B 93 -21.26 -16.68 25.55
N THR B 94 -22.31 -16.62 24.73
CA THR B 94 -23.42 -17.56 24.79
C THR B 94 -23.57 -18.18 23.41
N SER B 95 -23.16 -19.45 23.30
CA SER B 95 -23.14 -20.18 22.02
C SER B 95 -22.29 -19.38 21.05
N LEU B 96 -22.78 -19.00 19.88
CA LEU B 96 -22.00 -18.21 18.93
C LEU B 96 -22.96 -17.43 18.04
N THR B 97 -22.68 -16.14 17.86
CA THR B 97 -23.52 -15.28 17.05
C THR B 97 -22.66 -14.33 16.23
N PHE B 98 -22.94 -14.25 14.93
CA PHE B 98 -22.27 -13.31 14.05
C PHE B 98 -23.04 -11.99 13.99
N GLY B 99 -22.52 -11.05 13.21
CA GLY B 99 -23.19 -9.80 12.96
C GLY B 99 -23.74 -9.73 11.54
N GLY B 100 -24.53 -8.69 11.30
CA GLY B 100 -25.09 -8.47 9.97
C GLY B 100 -24.11 -7.95 8.96
N GLY B 101 -22.95 -7.49 9.39
CA GLY B 101 -21.94 -6.97 8.49
C GLY B 101 -21.98 -5.45 8.41
N THR B 102 -20.84 -4.87 8.02
CA THR B 102 -20.73 -3.43 7.80
C THR B 102 -19.78 -3.23 6.62
N LYS B 103 -20.36 -3.07 5.43
CA LYS B 103 -19.56 -2.86 4.24
C LYS B 103 -18.94 -1.47 4.26
N VAL B 104 -17.64 -1.40 3.97
CA VAL B 104 -16.91 -0.14 3.91
C VAL B 104 -16.73 0.23 2.44
N GLU B 105 -17.41 1.29 2.02
CA GLU B 105 -17.46 1.70 0.63
C GLU B 105 -16.57 2.92 0.40
N ILE B 106 -15.99 2.98 -0.80
CA ILE B 106 -15.19 4.14 -1.20
C ILE B 106 -16.12 5.31 -1.52
N LYS B 107 -15.86 6.46 -0.94
CA LYS B 107 -16.64 7.66 -1.22
C LYS B 107 -15.96 8.47 -2.31
N ARG B 108 -16.77 8.93 -3.28
CA ARG B 108 -16.26 9.56 -4.48
C ARG B 108 -17.22 10.66 -4.90
N THR B 109 -16.71 11.61 -5.68
CA THR B 109 -17.57 12.65 -6.24
C THR B 109 -18.67 12.02 -7.08
N VAL B 110 -19.85 12.66 -7.05
CA VAL B 110 -21.02 12.12 -7.72
C VAL B 110 -20.78 12.06 -9.22
N ALA B 111 -21.07 10.90 -9.82
CA ALA B 111 -20.85 10.68 -11.24
C ALA B 111 -22.19 10.44 -11.93
N ALA B 112 -22.43 11.17 -13.02
CA ALA B 112 -23.67 11.02 -13.76
C ALA B 112 -23.63 9.75 -14.61
N PRO B 113 -24.63 8.88 -14.50
CA PRO B 113 -24.63 7.65 -15.29
C PRO B 113 -24.90 7.89 -16.76
N SER B 114 -24.49 6.93 -17.58
CA SER B 114 -24.89 6.86 -18.98
C SER B 114 -25.94 5.77 -19.13
N VAL B 115 -27.09 6.12 -19.70
CA VAL B 115 -28.25 5.24 -19.73
C VAL B 115 -28.44 4.75 -21.17
N PHE B 116 -28.52 3.42 -21.33
CA PHE B 116 -28.79 2.81 -22.62
C PHE B 116 -29.82 1.70 -22.43
N ILE B 117 -30.75 1.61 -23.38
CA ILE B 117 -31.78 0.57 -23.37
C ILE B 117 -31.66 -0.23 -24.65
N PHE B 118 -31.64 -1.55 -24.52
CA PHE B 118 -31.48 -2.45 -25.66
C PHE B 118 -32.76 -3.25 -25.88
N PRO B 119 -33.40 -3.12 -27.04
CA PRO B 119 -34.56 -3.95 -27.32
C PRO B 119 -34.15 -5.40 -27.46
N PRO B 120 -35.07 -6.34 -27.21
CA PRO B 120 -34.74 -7.76 -27.40
C PRO B 120 -34.39 -8.02 -28.86
N SER B 121 -33.40 -8.89 -29.06
CA SER B 121 -32.89 -9.15 -30.40
C SER B 121 -33.91 -9.94 -31.22
N ASP B 122 -33.70 -9.92 -32.54
CA ASP B 122 -34.58 -10.68 -33.43
C ASP B 122 -34.48 -12.17 -33.15
N GLU B 123 -33.27 -12.67 -32.87
CA GLU B 123 -33.10 -14.07 -32.54
C GLU B 123 -33.85 -14.44 -31.27
N GLN B 124 -33.78 -13.59 -30.24
CA GLN B 124 -34.43 -13.90 -28.98
C GLN B 124 -35.95 -13.90 -29.12
N LEU B 125 -36.48 -12.98 -29.94
CA LEU B 125 -37.92 -12.95 -30.17
C LEU B 125 -38.43 -14.22 -30.82
N LYS B 126 -37.60 -14.88 -31.63
CA LYS B 126 -37.99 -16.11 -32.28
C LYS B 126 -38.20 -17.26 -31.29
N SER B 127 -37.58 -17.19 -30.11
CA SER B 127 -37.69 -18.25 -29.13
C SER B 127 -38.89 -18.09 -28.21
N GLY B 128 -39.63 -17.00 -28.31
CA GLY B 128 -40.81 -16.78 -27.50
C GLY B 128 -40.61 -15.92 -26.28
N THR B 129 -39.37 -15.67 -25.87
CA THR B 129 -39.07 -14.83 -24.72
C THR B 129 -38.31 -13.60 -25.20
N ALA B 130 -38.80 -12.41 -24.82
CA ALA B 130 -38.19 -11.14 -25.20
C ALA B 130 -37.76 -10.41 -23.94
N SER B 131 -36.46 -10.17 -23.83
CA SER B 131 -35.89 -9.52 -22.65
C SER B 131 -35.30 -8.16 -23.04
N VAL B 132 -35.70 -7.12 -22.33
CA VAL B 132 -35.19 -5.77 -22.54
C VAL B 132 -34.17 -5.46 -21.46
N VAL B 133 -33.10 -4.76 -21.83
CA VAL B 133 -31.99 -4.48 -20.93
C VAL B 133 -31.84 -2.96 -20.82
N CYS B 134 -31.87 -2.47 -19.58
CA CYS B 134 -31.59 -1.07 -19.28
C CYS B 134 -30.28 -1.00 -18.53
N LEU B 135 -29.35 -0.18 -19.02
CA LEU B 135 -27.97 -0.18 -18.55
C LEU B 135 -27.63 1.19 -17.96
N LEU B 136 -27.00 1.16 -16.78
CA LEU B 136 -26.43 2.35 -16.16
C LEU B 136 -24.91 2.23 -16.19
N ASN B 137 -24.23 3.28 -16.65
CA ASN B 137 -22.79 3.23 -16.87
C ASN B 137 -22.11 4.28 -16.00
N ASN B 138 -21.29 3.81 -15.05
CA ASN B 138 -20.36 4.65 -14.28
C ASN B 138 -21.10 5.75 -13.52
N PHE B 139 -21.90 5.32 -12.54
CA PHE B 139 -22.59 6.23 -11.63
C PHE B 139 -22.18 5.97 -10.19
N TYR B 140 -22.07 7.05 -9.42
CA TYR B 140 -21.86 7.01 -7.98
C TYR B 140 -22.67 8.15 -7.38
N PRO B 141 -23.38 7.92 -6.25
CA PRO B 141 -23.41 6.71 -5.42
C PRO B 141 -24.21 5.54 -6.00
N ARG B 142 -24.34 4.49 -5.19
CA ARG B 142 -24.99 3.26 -5.64
C ARG B 142 -26.49 3.46 -5.85
N GLU B 143 -27.10 4.38 -5.11
CA GLU B 143 -28.56 4.54 -5.13
C GLU B 143 -29.01 5.01 -6.51
N ALA B 144 -29.90 4.24 -7.13
CA ALA B 144 -30.48 4.58 -8.42
C ALA B 144 -31.95 4.19 -8.42
N LYS B 145 -32.75 4.96 -9.17
CA LYS B 145 -34.19 4.73 -9.27
C LYS B 145 -34.47 4.11 -10.64
N VAL B 146 -34.93 2.87 -10.64
CA VAL B 146 -35.19 2.13 -11.87
C VAL B 146 -36.68 1.81 -11.92
N GLN B 147 -37.36 2.37 -12.93
CA GLN B 147 -38.76 2.09 -13.18
C GLN B 147 -38.94 1.68 -14.63
N TRP B 148 -39.77 0.66 -14.86
CA TRP B 148 -40.04 0.15 -16.20
C TRP B 148 -41.44 0.59 -16.61
N LYS B 149 -41.52 1.34 -17.70
CA LYS B 149 -42.79 1.82 -18.25
C LYS B 149 -43.01 1.17 -19.61
N VAL B 150 -44.12 0.46 -19.75
CA VAL B 150 -44.49 -0.21 -20.99
C VAL B 150 -45.87 0.29 -21.37
N ASP B 151 -45.94 1.10 -22.43
CA ASP B 151 -47.15 1.84 -22.78
C ASP B 151 -47.65 2.65 -21.60
N ASN B 152 -46.72 3.34 -20.94
CA ASN B 152 -46.93 4.19 -19.77
C ASN B 152 -47.39 3.41 -18.55
N ALA B 153 -47.45 2.08 -18.62
CA ALA B 153 -47.82 1.26 -17.47
C ALA B 153 -46.55 0.87 -16.72
N LEU B 154 -46.51 1.17 -15.42
CA LEU B 154 -45.33 0.91 -14.60
C LEU B 154 -45.23 -0.58 -14.33
N GLN B 155 -44.21 -1.23 -14.89
CA GLN B 155 -44.00 -2.66 -14.68
C GLN B 155 -43.43 -2.90 -13.28
N SER B 156 -44.02 -3.86 -12.57
CA SER B 156 -43.53 -4.28 -11.27
C SER B 156 -43.37 -5.80 -11.29
N GLY B 157 -42.39 -6.29 -10.53
CA GLY B 157 -42.13 -7.72 -10.56
C GLY B 157 -41.04 -8.12 -11.53
N ASN B 158 -41.44 -8.47 -12.75
CA ASN B 158 -40.55 -9.09 -13.73
C ASN B 158 -39.23 -8.35 -13.94
N SER B 159 -39.13 -7.09 -13.52
CA SER B 159 -37.87 -6.37 -13.64
C SER B 159 -36.80 -7.04 -12.78
N GLN B 160 -35.61 -7.21 -13.35
CA GLN B 160 -34.48 -7.85 -12.66
C GLN B 160 -33.26 -6.96 -12.84
N GLU B 161 -32.82 -6.34 -11.75
CA GLU B 161 -31.67 -5.44 -11.77
C GLU B 161 -30.46 -6.09 -11.12
N SER B 162 -29.29 -5.91 -11.72
CA SER B 162 -28.04 -6.46 -11.22
C SER B 162 -27.02 -5.33 -11.10
N VAL B 163 -26.37 -5.24 -9.94
CA VAL B 163 -25.43 -4.18 -9.64
C VAL B 163 -24.03 -4.78 -9.53
N THR B 164 -23.07 -4.17 -10.22
CA THR B 164 -21.69 -4.60 -10.12
C THR B 164 -21.07 -4.13 -8.80
N GLU B 165 -19.90 -4.69 -8.49
CA GLU B 165 -19.12 -4.17 -7.38
C GLU B 165 -18.43 -2.89 -7.79
N GLN B 166 -18.02 -2.11 -6.79
CA GLN B 166 -17.32 -0.85 -7.04
C GLN B 166 -16.05 -1.10 -7.83
N ASP B 167 -16.00 -0.62 -9.08
CA ASP B 167 -14.90 -0.94 -9.98
C ASP B 167 -13.58 -0.42 -9.43
N SER B 168 -12.55 -1.26 -9.51
CA SER B 168 -11.24 -0.89 -8.99
C SER B 168 -10.57 0.22 -9.79
N LYS B 169 -11.10 0.55 -10.97
CA LYS B 169 -10.48 1.59 -11.79
C LYS B 169 -10.81 2.98 -11.28
N ASP B 170 -12.11 3.32 -11.23
CA ASP B 170 -12.55 4.65 -10.83
C ASP B 170 -13.50 4.64 -9.64
N SER B 171 -13.64 3.51 -8.95
CA SER B 171 -14.52 3.39 -7.78
C SER B 171 -15.95 3.81 -8.12
N THR B 172 -16.49 3.18 -9.15
CA THR B 172 -17.80 3.54 -9.67
C THR B 172 -18.57 2.30 -10.08
N TYR B 173 -19.89 2.34 -9.93
CA TYR B 173 -20.74 1.18 -10.14
C TYR B 173 -21.30 1.13 -11.56
N SER B 174 -22.05 0.06 -11.84
CA SER B 174 -22.82 -0.08 -13.07
C SER B 174 -24.06 -0.90 -12.75
N LEU B 175 -25.12 -0.66 -13.52
CA LEU B 175 -26.42 -1.27 -13.26
C LEU B 175 -26.98 -1.86 -14.56
N SER B 176 -27.69 -2.98 -14.41
CA SER B 176 -28.31 -3.67 -15.54
C SER B 176 -29.66 -4.21 -15.09
N SER B 177 -30.73 -3.52 -15.50
CA SER B 177 -32.08 -3.95 -15.19
C SER B 177 -32.63 -4.72 -16.38
N THR B 178 -33.00 -5.99 -16.15
CA THR B 178 -33.50 -6.86 -17.20
C THR B 178 -35.02 -6.99 -17.06
N LEU B 179 -35.73 -6.65 -18.12
CA LEU B 179 -37.19 -6.78 -18.16
C LEU B 179 -37.55 -8.03 -18.94
N THR B 180 -38.23 -8.96 -18.28
CA THR B 180 -38.58 -10.26 -18.88
C THR B 180 -40.02 -10.21 -19.35
N LEU B 181 -40.22 -10.51 -20.63
CA LEU B 181 -41.55 -10.53 -21.24
C LEU B 181 -41.62 -11.63 -22.27
N SER B 182 -42.82 -12.16 -22.47
CA SER B 182 -43.04 -13.19 -23.47
C SER B 182 -43.16 -12.56 -24.86
N LYS B 183 -43.22 -13.42 -25.88
CA LYS B 183 -43.32 -12.94 -27.26
C LYS B 183 -44.62 -12.18 -27.47
N ALA B 184 -45.75 -12.77 -27.03
CA ALA B 184 -47.04 -12.12 -27.23
C ALA B 184 -47.17 -10.85 -26.39
N ASP B 185 -46.71 -10.90 -25.13
CA ASP B 185 -46.82 -9.73 -24.27
C ASP B 185 -45.93 -8.59 -24.75
N TYR B 186 -44.83 -8.91 -25.44
CA TYR B 186 -43.99 -7.87 -26.02
C TYR B 186 -44.61 -7.25 -27.27
N GLU B 187 -45.55 -7.94 -27.91
CA GLU B 187 -46.21 -7.45 -29.12
C GLU B 187 -47.42 -6.57 -28.82
N LYS B 188 -47.87 -6.50 -27.57
CA LYS B 188 -49.08 -5.79 -27.22
C LYS B 188 -48.85 -4.32 -26.88
N HIS B 189 -47.60 -3.86 -26.91
CA HIS B 189 -47.29 -2.48 -26.55
C HIS B 189 -46.22 -1.95 -27.50
N LYS B 190 -46.20 -0.63 -27.67
CA LYS B 190 -45.35 0.01 -28.68
C LYS B 190 -44.21 0.84 -28.09
N VAL B 191 -44.42 1.47 -26.93
CA VAL B 191 -43.39 2.31 -26.32
C VAL B 191 -42.83 1.56 -25.12
N TYR B 192 -41.51 1.34 -25.14
CA TYR B 192 -40.80 0.68 -24.05
C TYR B 192 -39.72 1.64 -23.55
N ALA B 193 -39.77 1.95 -22.26
CA ALA B 193 -38.84 2.92 -21.69
C ALA B 193 -38.52 2.54 -20.25
N CYS B 194 -37.28 2.82 -19.85
CA CYS B 194 -36.86 2.70 -18.46
C CYS B 194 -36.48 4.09 -17.97
N GLU B 195 -37.12 4.53 -16.89
CA GLU B 195 -36.83 5.83 -16.31
C GLU B 195 -35.78 5.68 -15.21
N VAL B 196 -34.73 6.50 -15.29
CA VAL B 196 -33.62 6.43 -14.37
C VAL B 196 -33.50 7.77 -13.67
N THR B 197 -33.47 7.74 -12.33
CA THR B 197 -33.27 8.93 -11.51
C THR B 197 -32.06 8.69 -10.61
N HIS B 198 -31.01 9.46 -10.83
CA HIS B 198 -29.79 9.36 -10.04
C HIS B 198 -29.46 10.73 -9.47
N GLN B 199 -28.69 10.74 -8.38
CA GLN B 199 -28.32 11.99 -7.72
C GLN B 199 -27.58 12.91 -8.68
N GLY B 200 -26.76 12.35 -9.57
CA GLY B 200 -26.03 13.15 -10.54
C GLY B 200 -26.81 13.62 -11.73
N LEU B 201 -28.10 13.25 -11.81
CA LEU B 201 -28.97 13.68 -12.89
C LEU B 201 -29.77 14.88 -12.41
N SER B 202 -29.67 16.00 -13.13
CA SER B 202 -30.46 17.18 -12.78
C SER B 202 -31.95 16.89 -12.88
N SER B 203 -32.35 16.18 -13.93
CA SER B 203 -33.70 15.65 -14.08
C SER B 203 -33.60 14.18 -14.45
N PRO B 204 -34.60 13.38 -14.08
CA PRO B 204 -34.54 11.95 -14.41
C PRO B 204 -34.43 11.73 -15.91
N VAL B 205 -33.57 10.79 -16.29
CA VAL B 205 -33.25 10.52 -17.68
C VAL B 205 -34.08 9.33 -18.15
N THR B 206 -34.83 9.53 -19.22
CA THR B 206 -35.67 8.49 -19.81
C THR B 206 -35.12 8.14 -21.20
N LYS B 207 -34.79 6.87 -21.40
CA LYS B 207 -34.38 6.37 -22.70
C LYS B 207 -35.46 5.41 -23.20
N SER B 208 -36.06 5.75 -24.34
CA SER B 208 -37.20 5.01 -24.87
C SER B 208 -36.93 4.60 -26.31
N PHE B 209 -37.55 3.49 -26.70
CA PHE B 209 -37.52 3.02 -28.08
C PHE B 209 -38.90 2.53 -28.46
N ASN B 210 -39.24 2.71 -29.74
CA ASN B 210 -40.48 2.18 -30.30
C ASN B 210 -40.20 0.87 -31.00
N ARG B 211 -41.00 -0.15 -30.69
CA ARG B 211 -40.80 -1.46 -31.30
C ARG B 211 -40.97 -1.38 -32.81
N GLY B 212 -40.02 -1.99 -33.54
CA GLY B 212 -40.04 -1.93 -34.99
C GLY B 212 -39.37 -0.71 -35.58
N GLU B 213 -38.75 0.14 -34.76
CA GLU B 213 -38.06 1.32 -35.26
C GLU B 213 -36.62 1.35 -34.78
N THR C 15 2.57 -38.09 18.07
CA THR C 15 2.68 -36.97 18.99
C THR C 15 1.31 -36.38 19.30
N ASN C 16 1.17 -35.84 20.51
CA ASN C 16 -0.08 -35.22 20.93
C ASN C 16 0.29 -34.12 21.93
N LEU C 17 0.22 -32.87 21.50
CA LEU C 17 0.68 -31.76 22.31
C LEU C 17 -0.24 -31.53 23.51
N CYS C 18 0.35 -31.11 24.62
CA CYS C 18 -0.43 -30.80 25.81
C CYS C 18 -1.24 -29.52 25.61
N PRO C 19 -2.43 -29.45 26.19
CA PRO C 19 -3.30 -28.27 26.03
C PRO C 19 -2.97 -27.12 26.98
N PHE C 20 -1.68 -26.78 27.07
CA PHE C 20 -1.28 -25.63 27.87
C PHE C 20 -1.75 -24.32 27.25
N GLY C 21 -2.04 -24.32 25.95
CA GLY C 21 -2.57 -23.12 25.32
C GLY C 21 -3.93 -22.72 25.87
N GLU C 22 -4.84 -23.69 25.97
CA GLU C 22 -6.19 -23.40 26.42
C GLU C 22 -6.32 -23.27 27.93
N VAL C 23 -5.28 -23.64 28.70
CA VAL C 23 -5.28 -23.39 30.13
C VAL C 23 -4.86 -21.96 30.42
N PHE C 24 -3.78 -21.50 29.78
CA PHE C 24 -3.30 -20.14 29.94
C PHE C 24 -4.15 -19.11 29.21
N ASN C 25 -4.86 -19.51 28.15
CA ASN C 25 -5.65 -18.60 27.35
C ASN C 25 -7.15 -18.74 27.59
N ALA C 26 -7.56 -19.43 28.64
CA ALA C 26 -8.97 -19.54 28.95
C ALA C 26 -9.57 -18.16 29.18
N SER C 27 -10.75 -17.93 28.60
CA SER C 27 -11.35 -16.60 28.62
C SER C 27 -11.70 -16.17 30.03
N LYS C 28 -12.43 -17.01 30.76
CA LYS C 28 -12.86 -16.71 32.12
C LYS C 28 -12.31 -17.75 33.08
N PHE C 29 -11.62 -17.29 34.12
CA PHE C 29 -11.08 -18.16 35.13
C PHE C 29 -12.12 -18.34 36.25
N ALA C 30 -11.69 -18.92 37.36
CA ALA C 30 -12.56 -19.14 38.51
C ALA C 30 -12.07 -18.31 39.69
N SER C 31 -12.83 -18.35 40.77
CA SER C 31 -12.48 -17.61 41.98
C SER C 31 -11.29 -18.26 42.68
N VAL C 32 -10.63 -17.47 43.52
CA VAL C 32 -9.46 -17.99 44.25
C VAL C 32 -9.89 -19.03 45.27
N TYR C 33 -11.05 -18.84 45.90
CA TYR C 33 -11.57 -19.85 46.81
C TYR C 33 -12.16 -21.06 46.10
N ALA C 34 -12.35 -20.97 44.79
CA ALA C 34 -12.94 -22.05 44.00
C ALA C 34 -12.14 -22.28 42.72
N TRP C 35 -10.81 -22.38 42.86
CA TRP C 35 -9.96 -22.59 41.69
C TRP C 35 -10.21 -23.96 41.09
N ASN C 36 -9.97 -24.07 39.79
CA ASN C 36 -10.22 -25.30 39.04
C ASN C 36 -8.90 -26.04 38.83
N ARG C 37 -8.72 -27.14 39.57
CA ARG C 37 -7.61 -28.02 39.29
C ARG C 37 -7.82 -28.72 37.95
N LYS C 38 -6.75 -28.84 37.17
CA LYS C 38 -6.85 -29.29 35.78
C LYS C 38 -5.79 -30.37 35.55
N ARG C 39 -6.22 -31.63 35.57
CA ARG C 39 -5.30 -32.74 35.34
C ARG C 39 -4.96 -32.82 33.86
N ILE C 40 -3.67 -32.67 33.54
CA ILE C 40 -3.17 -32.73 32.17
C ILE C 40 -2.19 -33.89 32.09
N SER C 41 -2.44 -34.82 31.17
CA SER C 41 -1.62 -36.02 31.07
C SER C 41 -1.72 -36.57 29.65
N ASN C 42 -0.90 -37.58 29.37
CA ASN C 42 -0.92 -38.31 28.10
C ASN C 42 -0.73 -37.37 26.92
N CYS C 43 0.29 -36.51 27.01
CA CYS C 43 0.56 -35.53 25.98
C CYS C 43 2.03 -35.15 26.01
N VAL C 44 2.40 -34.21 25.15
CA VAL C 44 3.76 -33.70 25.03
C VAL C 44 3.75 -32.21 25.33
N ALA C 45 4.55 -31.78 26.29
CA ALA C 45 4.57 -30.40 26.75
C ALA C 45 5.81 -29.69 26.23
N ASP C 46 5.60 -28.60 25.51
CA ASP C 46 6.70 -27.74 25.06
C ASP C 46 6.85 -26.62 26.08
N TYR C 47 7.70 -26.86 27.07
CA TYR C 47 7.89 -25.90 28.16
C TYR C 47 8.60 -24.63 27.73
N SER C 48 9.14 -24.59 26.50
CA SER C 48 9.78 -23.38 26.02
C SER C 48 8.78 -22.27 25.70
N VAL C 49 7.52 -22.63 25.45
CA VAL C 49 6.50 -21.62 25.17
C VAL C 49 6.28 -20.75 26.41
N LEU C 50 6.17 -21.38 27.59
CA LEU C 50 5.99 -20.63 28.82
C LEU C 50 7.22 -19.79 29.17
N TYR C 51 8.41 -20.29 28.82
CA TYR C 51 9.64 -19.61 29.21
C TYR C 51 9.92 -18.37 28.38
N ASN C 52 9.49 -18.35 27.12
CA ASN C 52 9.91 -17.30 26.20
C ASN C 52 8.72 -16.58 25.59
N SER C 53 7.75 -16.20 26.43
CA SER C 53 6.56 -15.49 25.97
C SER C 53 6.59 -14.00 26.30
N THR C 54 7.16 -13.63 27.45
CA THR C 54 7.33 -12.25 27.89
C THR C 54 5.98 -11.64 28.29
N SER C 55 4.89 -12.36 28.05
CA SER C 55 3.56 -11.92 28.46
C SER C 55 3.19 -12.50 29.82
N PHE C 56 4.10 -12.35 30.80
CA PHE C 56 3.89 -12.87 32.15
C PHE C 56 4.54 -11.89 33.12
N SER C 57 3.73 -11.32 34.01
CA SER C 57 4.24 -10.34 34.97
C SER C 57 5.22 -10.99 35.95
N THR C 58 4.84 -12.14 36.51
CA THR C 58 5.69 -12.87 37.44
C THR C 58 5.84 -14.31 36.96
N PHE C 59 7.06 -14.84 37.04
CA PHE C 59 7.33 -16.21 36.61
C PHE C 59 8.56 -16.70 37.37
N LYS C 60 8.32 -17.49 38.42
CA LYS C 60 9.39 -18.00 39.28
C LYS C 60 8.98 -19.36 39.82
N CYS C 61 9.97 -20.13 40.26
CA CYS C 61 9.70 -21.40 40.95
C CYS C 61 10.99 -21.93 41.56
N TYR C 62 10.83 -23.05 42.27
CA TYR C 62 11.94 -23.85 42.78
C TYR C 62 11.47 -25.30 42.80
N GLY C 63 12.42 -26.21 42.97
CA GLY C 63 12.14 -27.64 42.93
C GLY C 63 12.46 -28.31 41.62
N VAL C 64 12.72 -27.52 40.56
CA VAL C 64 13.08 -28.07 39.27
C VAL C 64 13.80 -26.97 38.50
N SER C 65 14.77 -27.37 37.69
CA SER C 65 15.49 -26.39 36.87
C SER C 65 14.52 -25.79 35.85
N PRO C 66 14.30 -24.47 35.88
CA PRO C 66 13.35 -23.89 34.91
C PRO C 66 13.79 -24.07 33.46
N THR C 67 15.08 -23.94 33.18
CA THR C 67 15.56 -24.08 31.81
C THR C 67 15.59 -25.54 31.37
N LYS C 68 16.07 -26.43 32.25
CA LYS C 68 16.20 -27.85 31.93
C LYS C 68 14.96 -28.66 32.29
N LEU C 69 13.84 -27.98 32.59
CA LEU C 69 12.58 -28.68 32.84
C LEU C 69 12.04 -29.31 31.56
N ASN C 70 12.49 -28.86 30.39
CA ASN C 70 11.93 -29.32 29.13
C ASN C 70 12.15 -30.82 28.93
N ASP C 71 13.35 -31.32 29.24
CA ASP C 71 13.71 -32.71 28.96
C ASP C 71 13.43 -33.64 30.13
N LEU C 72 12.46 -33.30 30.99
CA LEU C 72 12.05 -34.15 32.10
C LEU C 72 10.55 -34.38 32.02
N CYS C 73 10.14 -35.63 32.26
CA CYS C 73 8.73 -35.97 32.29
C CYS C 73 8.32 -36.54 33.64
N PHE C 74 7.02 -36.42 33.91
CA PHE C 74 6.40 -36.87 35.14
C PHE C 74 5.12 -37.62 34.80
N THR C 75 4.51 -38.24 35.80
CA THR C 75 3.30 -39.03 35.56
C THR C 75 2.15 -38.15 35.12
N ASN C 76 1.87 -37.07 35.85
CA ASN C 76 0.75 -36.19 35.58
C ASN C 76 1.17 -34.75 35.81
N VAL C 77 0.33 -33.83 35.35
CA VAL C 77 0.53 -32.40 35.53
C VAL C 77 -0.77 -31.80 36.05
N TYR C 78 -0.68 -31.01 37.11
CA TYR C 78 -1.84 -30.36 37.70
C TYR C 78 -1.69 -28.85 37.53
N ALA C 79 -2.71 -28.23 36.95
CA ALA C 79 -2.68 -26.80 36.62
C ALA C 79 -3.79 -26.09 37.41
N ASP C 80 -3.41 -25.49 38.53
CA ASP C 80 -4.33 -24.64 39.27
C ASP C 80 -4.59 -23.36 38.48
N SER C 81 -5.77 -22.77 38.70
CA SER C 81 -6.16 -21.56 37.97
C SER C 81 -7.13 -20.76 38.82
N PHE C 82 -6.73 -19.54 39.19
CA PHE C 82 -7.58 -18.65 39.97
C PHE C 82 -7.16 -17.21 39.70
N VAL C 83 -7.86 -16.27 40.33
CA VAL C 83 -7.64 -14.85 40.14
C VAL C 83 -7.43 -14.20 41.52
N VAL C 84 -6.39 -13.38 41.63
CA VAL C 84 -6.09 -12.62 42.83
C VAL C 84 -5.65 -11.22 42.44
N LYS C 85 -5.31 -10.41 43.43
CA LYS C 85 -4.89 -9.04 43.20
C LYS C 85 -3.41 -8.99 42.81
N GLY C 86 -2.95 -7.79 42.44
CA GLY C 86 -1.57 -7.63 42.01
C GLY C 86 -0.56 -7.89 43.11
N ASP C 87 -0.80 -7.34 44.30
CA ASP C 87 0.12 -7.53 45.42
C ASP C 87 -0.03 -8.88 46.10
N GLU C 88 -1.09 -9.62 45.79
CA GLU C 88 -1.35 -10.91 46.41
C GLU C 88 -0.64 -12.06 45.72
N VAL C 89 0.15 -11.77 44.68
CA VAL C 89 0.92 -12.82 44.02
C VAL C 89 1.98 -13.41 44.96
N ARG C 90 2.35 -12.69 46.02
CA ARG C 90 3.31 -13.24 46.97
C ARG C 90 2.74 -14.40 47.76
N GLN C 91 1.41 -14.45 47.93
CA GLN C 91 0.77 -15.51 48.68
C GLN C 91 0.70 -16.83 47.92
N ILE C 92 1.10 -16.84 46.65
CA ILE C 92 1.06 -18.04 45.83
C ILE C 92 2.42 -18.75 45.81
N ALA C 93 3.26 -18.49 46.81
CA ALA C 93 4.54 -19.13 46.99
C ALA C 93 4.49 -20.10 48.17
N PRO C 94 5.38 -21.09 48.21
CA PRO C 94 5.39 -22.00 49.36
C PRO C 94 5.72 -21.25 50.65
N GLY C 95 5.06 -21.67 51.74
CA GLY C 95 5.28 -21.08 53.04
C GLY C 95 5.04 -19.58 53.09
N GLN C 96 3.80 -19.15 52.91
CA GLN C 96 3.45 -17.74 52.91
C GLN C 96 2.26 -17.50 53.83
N THR C 97 2.22 -16.30 54.40
CA THR C 97 1.16 -15.87 55.29
C THR C 97 0.36 -14.76 54.64
N GLY C 98 -0.95 -14.92 54.60
CA GLY C 98 -1.81 -13.90 54.01
C GLY C 98 -3.25 -14.37 53.99
N VAL C 99 -4.11 -13.48 53.50
CA VAL C 99 -5.53 -13.82 53.39
C VAL C 99 -5.73 -14.97 52.41
N ILE C 100 -5.06 -14.91 51.25
CA ILE C 100 -5.20 -15.95 50.25
C ILE C 100 -4.45 -17.21 50.68
N ALA C 101 -3.23 -17.05 51.18
CA ALA C 101 -2.38 -18.21 51.48
C ALA C 101 -2.98 -19.06 52.59
N ASP C 102 -3.49 -18.42 53.64
CA ASP C 102 -3.98 -19.15 54.80
C ASP C 102 -5.44 -19.55 54.70
N TYR C 103 -6.17 -19.10 53.68
CA TYR C 103 -7.60 -19.37 53.61
C TYR C 103 -8.04 -19.94 52.26
N ASN C 104 -7.31 -19.62 51.19
CA ASN C 104 -7.75 -19.97 49.84
C ASN C 104 -6.82 -20.97 49.16
N LEU C 107 0.30 -23.61 48.94
CA LEU C 107 1.29 -24.55 48.40
C LEU C 107 2.22 -25.02 49.52
N PRO C 108 2.48 -26.32 49.62
CA PRO C 108 3.34 -26.80 50.71
C PRO C 108 4.79 -26.38 50.51
N ASP C 109 5.55 -26.46 51.59
CA ASP C 109 6.95 -26.05 51.58
C ASP C 109 7.82 -26.96 50.73
N ASP C 110 7.33 -28.12 50.31
CA ASP C 110 8.06 -29.04 49.44
C ASP C 110 7.51 -29.05 48.02
N PHE C 111 6.87 -27.94 47.62
CA PHE C 111 6.24 -27.88 46.30
C PHE C 111 7.29 -27.88 45.20
N THR C 112 7.18 -28.84 44.28
CA THR C 112 8.06 -28.92 43.11
C THR C 112 7.22 -28.54 41.90
N GLY C 113 7.35 -27.29 41.47
CA GLY C 113 6.57 -26.80 40.35
C GLY C 113 6.64 -25.28 40.30
N CYS C 114 6.05 -24.74 39.23
CA CYS C 114 6.12 -23.31 38.97
C CYS C 114 4.75 -22.66 39.00
N VAL C 115 4.76 -21.39 39.41
CA VAL C 115 3.57 -20.55 39.50
C VAL C 115 3.71 -19.43 38.48
N ILE C 116 2.71 -19.28 37.63
CA ILE C 116 2.69 -18.28 36.58
C ILE C 116 1.51 -17.34 36.81
N ALA C 117 1.80 -16.04 36.89
CA ALA C 117 0.77 -15.04 37.12
C ALA C 117 0.95 -13.89 36.13
N TRP C 118 -0.16 -13.42 35.57
CA TRP C 118 -0.14 -12.33 34.61
C TRP C 118 -1.31 -11.39 34.88
N ASN C 119 -1.24 -10.22 34.26
CA ASN C 119 -2.24 -9.17 34.48
C ASN C 119 -3.48 -9.42 33.63
N SER C 120 -4.65 -9.25 34.25
CA SER C 120 -5.93 -9.53 33.58
C SER C 120 -6.94 -8.42 33.88
N VAL C 121 -6.51 -7.16 33.75
CA VAL C 121 -7.43 -6.04 33.96
C VAL C 121 -8.45 -5.98 32.84
N LYS C 122 -8.00 -6.11 31.60
CA LYS C 122 -8.87 -5.97 30.44
C LYS C 122 -9.88 -7.10 30.32
N GLN C 123 -9.72 -8.17 31.10
CA GLN C 123 -10.56 -9.35 30.99
C GLN C 123 -11.40 -9.65 32.23
N ASP C 124 -10.98 -9.19 33.41
CA ASP C 124 -11.76 -9.38 34.63
C ASP C 124 -12.26 -8.08 35.23
N ALA C 125 -11.71 -6.93 34.84
CA ALA C 125 -12.15 -5.63 35.34
C ALA C 125 -12.83 -4.87 34.22
N LEU C 126 -14.06 -4.42 34.47
CA LEU C 126 -14.85 -3.68 33.50
C LEU C 126 -15.13 -2.28 34.00
N THR C 127 -15.62 -1.43 33.10
CA THR C 127 -15.90 -0.04 33.45
C THR C 127 -17.01 0.05 34.49
N GLY C 128 -18.01 -0.82 34.39
CA GLY C 128 -19.10 -0.84 35.35
C GLY C 128 -18.79 -1.67 36.59
N GLY C 129 -17.80 -2.55 36.49
CA GLY C 129 -17.41 -3.38 37.62
C GLY C 129 -17.94 -4.79 37.53
N ASN C 130 -17.09 -5.73 37.12
CA ASN C 130 -17.52 -7.12 36.99
C ASN C 130 -17.85 -7.72 38.35
N TYR C 131 -16.94 -7.58 39.31
CA TYR C 131 -17.13 -8.02 40.69
C TYR C 131 -17.47 -9.50 40.81
N GLY C 132 -17.17 -10.28 39.78
CA GLY C 132 -17.49 -11.71 39.79
C GLY C 132 -16.65 -12.50 40.77
N TYR C 135 -12.86 -13.55 47.07
CA TYR C 135 -12.02 -14.33 47.95
C TYR C 135 -12.76 -14.70 49.23
N ARG C 136 -12.15 -15.56 50.03
CA ARG C 136 -12.70 -15.97 51.32
C ARG C 136 -11.93 -15.25 52.42
N LEU C 137 -12.65 -14.54 53.28
CA LEU C 137 -12.05 -13.70 54.31
C LEU C 137 -12.06 -14.33 55.68
N PHE C 138 -12.91 -15.32 55.91
CA PHE C 138 -13.12 -15.87 57.25
C PHE C 138 -13.11 -17.39 57.20
N ARG C 139 -12.40 -18.01 58.15
CA ARG C 139 -12.33 -19.46 58.25
C ARG C 139 -11.78 -19.80 59.62
N LYS C 140 -12.38 -20.82 60.26
CA LYS C 140 -11.95 -21.20 61.59
C LYS C 140 -10.56 -21.81 61.58
N SER C 141 -10.24 -22.60 60.56
CA SER C 141 -8.96 -23.29 60.46
C SER C 141 -8.28 -22.92 59.15
N LYS C 142 -6.97 -22.70 59.21
CA LYS C 142 -6.19 -22.42 58.02
C LYS C 142 -6.20 -23.63 57.09
N LEU C 143 -6.22 -23.36 55.79
CA LEU C 143 -6.34 -24.44 54.82
C LEU C 143 -5.06 -25.27 54.77
N LYS C 144 -5.23 -26.60 54.88
CA LYS C 144 -4.12 -27.51 54.70
C LYS C 144 -3.70 -27.53 53.23
N PRO C 145 -2.48 -27.95 52.92
CA PRO C 145 -1.99 -27.84 51.54
C PRO C 145 -2.88 -28.56 50.55
N PHE C 146 -3.10 -27.90 49.41
CA PHE C 146 -3.86 -28.42 48.27
C PHE C 146 -5.32 -28.69 48.62
N GLU C 147 -5.84 -28.06 49.67
CA GLU C 147 -7.26 -28.09 49.97
C GLU C 147 -7.94 -26.85 49.43
N ARG C 148 -9.26 -26.93 49.30
CA ARG C 148 -10.04 -25.83 48.74
C ARG C 148 -11.40 -25.80 49.43
N ASP C 149 -11.72 -24.67 50.05
CA ASP C 149 -12.96 -24.49 50.79
C ASP C 149 -13.94 -23.69 49.95
N ILE C 150 -15.13 -24.24 49.75
CA ILE C 150 -16.18 -23.56 48.99
C ILE C 150 -17.43 -23.42 49.84
N TYR C 155 -19.72 -17.07 59.44
CA TYR C 155 -18.59 -17.40 60.32
C TYR C 155 -18.84 -16.88 61.73
N GLN C 156 -18.89 -17.82 62.69
CA GLN C 156 -19.13 -17.45 64.08
C GLN C 156 -17.92 -16.68 64.62
N ALA C 157 -18.17 -15.45 65.09
CA ALA C 157 -17.11 -14.59 65.61
C ALA C 157 -17.37 -14.24 67.08
N GLY C 158 -18.08 -15.10 67.79
CA GLY C 158 -18.37 -14.84 69.19
C GLY C 158 -19.09 -16.01 69.81
N SER C 159 -19.67 -15.76 70.98
CA SER C 159 -20.39 -16.81 71.68
C SER C 159 -21.70 -17.16 70.99
N THR C 160 -22.31 -16.20 70.29
CA THR C 160 -23.62 -16.36 69.68
C THR C 160 -23.62 -17.45 68.62
N PRO C 161 -24.33 -18.56 68.84
CA PRO C 161 -24.44 -19.64 67.84
C PRO C 161 -25.55 -19.36 66.81
N CYS C 162 -25.19 -18.57 65.79
CA CYS C 162 -26.16 -18.22 64.76
C CYS C 162 -26.65 -19.47 64.04
N ASN C 163 -27.96 -19.57 63.87
CA ASN C 163 -28.60 -20.74 63.28
C ASN C 163 -28.63 -20.70 61.76
N GLY C 164 -28.10 -19.64 61.15
CA GLY C 164 -28.12 -19.53 59.70
C GLY C 164 -28.49 -18.13 59.25
N GLN C 165 -28.69 -17.22 60.19
CA GLN C 165 -29.02 -15.84 59.90
C GLN C 165 -27.73 -15.02 59.89
N VAL C 166 -27.46 -14.35 58.78
CA VAL C 166 -26.29 -13.47 58.69
C VAL C 166 -26.65 -12.14 59.36
N GLY C 167 -26.37 -12.05 60.65
CA GLY C 167 -26.74 -10.87 61.42
C GLY C 167 -25.69 -10.43 62.40
N LEU C 168 -26.09 -10.31 63.67
CA LEU C 168 -25.16 -9.90 64.72
C LEU C 168 -24.07 -10.94 64.91
N ASN C 169 -22.81 -10.50 64.83
CA ASN C 169 -21.63 -11.34 65.05
C ASN C 169 -21.52 -12.50 64.07
N CYS C 170 -22.36 -12.54 63.04
CA CYS C 170 -22.33 -13.62 62.06
C CYS C 170 -22.58 -13.02 60.67
N TYR C 171 -21.74 -13.39 59.71
CA TYR C 171 -21.74 -12.74 58.41
C TYR C 171 -21.29 -13.73 57.34
N TYR C 172 -21.53 -13.36 56.09
CA TYR C 172 -21.11 -14.18 54.97
C TYR C 172 -19.59 -14.26 54.94
N PRO C 173 -19.01 -15.44 54.69
CA PRO C 173 -17.55 -15.58 54.69
C PRO C 173 -16.89 -15.24 53.36
N LEU C 174 -17.58 -14.56 52.44
CA LEU C 174 -17.05 -14.31 51.11
C LEU C 174 -17.31 -12.86 50.73
N GLU C 175 -16.26 -12.06 50.64
CA GLU C 175 -16.34 -10.72 50.08
C GLU C 175 -15.97 -10.79 48.59
N ARG C 176 -16.86 -10.29 47.75
CA ARG C 176 -16.60 -10.31 46.31
C ARG C 176 -15.46 -9.36 45.97
N TYR C 177 -14.62 -9.78 45.03
CA TYR C 177 -13.51 -8.96 44.59
C TYR C 177 -14.02 -7.72 43.86
N GLY C 178 -13.31 -6.60 44.05
CA GLY C 178 -13.61 -5.39 43.33
C GLY C 178 -12.50 -5.00 42.39
N PHE C 179 -12.72 -5.12 41.09
CA PHE C 179 -11.70 -4.89 40.08
C PHE C 179 -12.18 -3.84 39.09
N HIS C 180 -11.38 -2.77 38.95
CA HIS C 180 -11.62 -1.73 37.97
C HIS C 180 -10.29 -1.35 37.33
N PRO C 181 -10.30 -0.88 36.08
CA PRO C 181 -9.05 -0.42 35.46
C PRO C 181 -8.49 0.84 36.09
N THR C 182 -9.24 1.52 36.95
CA THR C 182 -8.76 2.75 37.56
C THR C 182 -7.71 2.51 38.64
N THR C 183 -7.71 1.33 39.26
CA THR C 183 -6.83 1.06 40.38
C THR C 183 -5.38 0.87 39.90
N GLY C 184 -4.48 0.68 40.86
CA GLY C 184 -3.06 0.61 40.58
C GLY C 184 -2.59 -0.78 40.21
N VAL C 185 -1.26 -0.89 40.03
CA VAL C 185 -0.67 -2.13 39.54
C VAL C 185 -0.94 -3.28 40.49
N ASN C 186 -0.76 -3.04 41.79
CA ASN C 186 -0.93 -4.08 42.79
C ASN C 186 -2.37 -4.20 43.28
N TYR C 187 -3.28 -3.35 42.80
CA TYR C 187 -4.69 -3.42 43.17
C TYR C 187 -5.56 -3.93 42.03
N GLN C 188 -4.95 -4.47 40.97
CA GLN C 188 -5.60 -4.92 39.75
C GLN C 188 -5.69 -6.45 39.72
N PRO C 189 -6.67 -7.01 39.02
CA PRO C 189 -6.81 -8.47 38.98
C PRO C 189 -5.65 -9.12 38.28
N PHE C 190 -5.30 -10.32 38.76
CA PHE C 190 -4.20 -11.10 38.21
C PHE C 190 -4.64 -12.56 38.11
N ARG C 191 -4.39 -13.17 36.95
CA ARG C 191 -4.68 -14.58 36.75
C ARG C 191 -3.44 -15.41 37.06
N VAL C 192 -3.61 -16.44 37.88
CA VAL C 192 -2.51 -17.26 38.36
C VAL C 192 -2.73 -18.70 37.93
N VAL C 193 -1.73 -19.27 37.25
CA VAL C 193 -1.71 -20.68 36.91
C VAL C 193 -0.52 -21.32 37.59
N VAL C 194 -0.77 -22.34 38.40
CA VAL C 194 0.26 -23.03 39.16
C VAL C 194 0.51 -24.38 38.51
N LEU C 195 1.74 -24.61 38.07
CA LEU C 195 2.12 -25.88 37.46
C LEU C 195 2.60 -26.83 38.55
N SER C 196 1.78 -27.83 38.87
CA SER C 196 2.08 -28.80 39.91
C SER C 196 2.40 -30.13 39.24
N PHE C 197 3.68 -30.50 39.25
CA PHE C 197 4.12 -31.76 38.66
C PHE C 197 4.19 -32.84 39.74
N GLU C 198 3.54 -33.97 39.48
CA GLU C 198 3.60 -35.12 40.37
C GLU C 198 4.33 -36.25 39.66
N LEU C 199 5.14 -36.99 40.42
CA LEU C 199 6.06 -37.98 39.87
C LEU C 199 5.97 -39.30 40.65
N LEU C 200 4.74 -39.77 40.86
CA LEU C 200 4.52 -41.07 41.50
C LEU C 200 5.16 -42.18 40.66
N ASN C 201 5.18 -43.38 41.25
CA ASN C 201 5.85 -44.52 40.61
C ASN C 201 5.15 -45.01 39.35
N GLY C 202 4.10 -44.36 38.86
CA GLY C 202 3.50 -44.73 37.61
C GLY C 202 4.33 -44.30 36.41
N PRO C 203 3.85 -44.64 35.22
CA PRO C 203 4.60 -44.31 34.00
C PRO C 203 4.50 -42.83 33.67
N ALA C 204 5.65 -42.17 33.52
CA ALA C 204 5.68 -40.79 33.08
C ALA C 204 5.33 -40.71 31.59
N THR C 205 4.59 -39.67 31.22
CA THR C 205 4.06 -39.61 29.86
C THR C 205 4.09 -38.22 29.23
N VAL C 206 4.71 -37.22 29.86
CA VAL C 206 4.64 -35.84 29.38
C VAL C 206 6.06 -35.25 29.36
N CYS C 207 6.74 -35.36 28.22
CA CYS C 207 7.97 -34.63 27.99
C CYS C 207 8.08 -34.30 26.50
N GLY C 208 8.84 -33.25 26.22
CA GLY C 208 9.03 -32.80 24.85
C GLY C 208 10.40 -33.15 24.29
N GLN D 1 2.69 30.49 -8.37
CA GLN D 1 2.16 29.98 -7.11
C GLN D 1 1.66 28.55 -7.27
N VAL D 2 2.56 27.66 -7.65
CA VAL D 2 2.26 26.25 -7.89
C VAL D 2 2.82 25.44 -6.73
N GLN D 3 1.98 24.56 -6.17
CA GLN D 3 2.37 23.73 -5.03
C GLN D 3 1.73 22.36 -5.18
N LEU D 4 2.56 21.31 -5.16
CA LEU D 4 2.09 19.94 -5.22
C LEU D 4 2.32 19.28 -3.87
N VAL D 5 1.28 18.65 -3.34
CA VAL D 5 1.32 17.97 -2.05
C VAL D 5 0.96 16.51 -2.26
N GLN D 6 1.78 15.62 -1.70
CA GLN D 6 1.53 14.18 -1.77
C GLN D 6 0.92 13.70 -0.46
N SER D 7 0.39 12.48 -0.49
CA SER D 7 -0.25 11.91 0.68
C SER D 7 0.76 11.65 1.79
N GLY D 8 0.25 11.36 2.98
CA GLY D 8 1.10 11.14 4.13
C GLY D 8 1.91 9.86 4.01
N ALA D 9 2.90 9.74 4.90
CA ALA D 9 3.77 8.58 4.90
C ALA D 9 2.97 7.31 5.19
N GLU D 10 3.34 6.22 4.52
CA GLU D 10 2.63 4.96 4.63
C GLU D 10 3.62 3.85 4.93
N VAL D 11 3.20 2.90 5.76
CA VAL D 11 4.00 1.73 6.11
C VAL D 11 3.22 0.49 5.64
N LYS D 12 3.88 -0.33 4.82
CA LYS D 12 3.26 -1.52 4.26
C LYS D 12 4.11 -2.75 4.59
N LYS D 13 3.62 -3.91 4.18
CA LYS D 13 4.29 -5.18 4.41
C LYS D 13 4.53 -5.89 3.09
N PRO D 14 5.54 -6.76 3.02
CA PRO D 14 5.86 -7.44 1.75
C PRO D 14 4.65 -8.22 1.23
N GLY D 15 4.16 -7.80 0.06
CA GLY D 15 2.99 -8.39 -0.56
C GLY D 15 1.87 -7.40 -0.80
N ALA D 16 1.73 -6.42 0.09
CA ALA D 16 0.70 -5.41 -0.05
C ALA D 16 1.07 -4.40 -1.13
N SER D 17 0.08 -3.59 -1.53
CA SER D 17 0.25 -2.59 -2.57
C SER D 17 0.06 -1.20 -1.97
N VAL D 18 0.97 -0.29 -2.32
CA VAL D 18 0.91 1.10 -1.87
C VAL D 18 0.40 1.96 -3.02
N LYS D 19 -0.42 2.96 -2.70
CA LYS D 19 -0.97 3.88 -3.69
C LYS D 19 -0.78 5.31 -3.20
N VAL D 20 0.28 5.96 -3.70
CA VAL D 20 0.59 7.33 -3.32
C VAL D 20 -0.25 8.28 -4.17
N SER D 21 -0.90 9.25 -3.53
CA SER D 21 -1.74 10.23 -4.20
C SER D 21 -1.03 11.57 -4.22
N CYS D 22 -1.00 12.20 -5.40
CA CYS D 22 -0.36 13.49 -5.58
C CYS D 22 -1.39 14.48 -6.13
N LYS D 23 -1.63 15.56 -5.39
CA LYS D 23 -2.57 16.60 -5.78
C LYS D 23 -1.79 17.85 -6.20
N ALA D 24 -2.27 18.50 -7.26
CA ALA D 24 -1.59 19.64 -7.84
C ALA D 24 -2.51 20.85 -7.84
N SER D 25 -1.90 22.04 -7.84
CA SER D 25 -2.66 23.28 -7.83
C SER D 25 -1.78 24.41 -8.36
N GLY D 26 -2.42 25.50 -8.75
CA GLY D 26 -1.73 26.71 -9.17
C GLY D 26 -1.36 26.77 -10.63
N TYR D 27 -1.57 25.71 -11.39
CA TYR D 27 -1.22 25.67 -12.80
C TYR D 27 -2.28 24.90 -13.56
N PRO D 28 -2.41 25.16 -14.87
CA PRO D 28 -3.36 24.39 -15.69
C PRO D 28 -3.01 22.91 -15.69
N PHE D 29 -3.94 22.09 -15.20
CA PHE D 29 -3.66 20.68 -14.97
C PHE D 29 -3.49 19.90 -16.27
N THR D 30 -4.33 20.19 -17.28
CA THR D 30 -4.34 19.37 -18.48
C THR D 30 -3.08 19.55 -19.32
N SER D 31 -2.47 20.74 -19.29
CA SER D 31 -1.33 21.03 -20.15
C SER D 31 -0.04 20.37 -19.69
N TYR D 32 0.00 19.81 -18.48
CA TYR D 32 1.22 19.24 -17.94
C TYR D 32 0.94 17.83 -17.42
N GLY D 33 1.84 16.90 -17.74
CA GLY D 33 1.74 15.55 -17.23
C GLY D 33 2.33 15.40 -15.84
N ILE D 34 2.11 14.24 -15.25
CA ILE D 34 2.59 13.92 -13.90
C ILE D 34 3.63 12.82 -14.01
N SER D 35 4.83 13.10 -13.51
CA SER D 35 5.93 12.15 -13.47
C SER D 35 6.16 11.67 -12.05
N TRP D 36 6.97 10.62 -11.92
CA TRP D 36 7.27 10.02 -10.64
C TRP D 36 8.72 9.56 -10.60
N VAL D 37 9.40 9.87 -9.49
CA VAL D 37 10.81 9.54 -9.31
C VAL D 37 10.98 8.91 -7.93
N ARG D 38 11.69 7.80 -7.87
CA ARG D 38 11.93 7.05 -6.65
C ARG D 38 13.34 7.29 -6.14
N GLN D 39 13.47 7.52 -4.83
CA GLN D 39 14.78 7.69 -4.20
C GLN D 39 14.80 6.89 -2.90
N ALA D 40 15.59 5.82 -2.89
CA ALA D 40 15.76 5.00 -1.70
C ALA D 40 16.70 5.69 -0.71
N PRO D 41 16.62 5.34 0.58
CA PRO D 41 17.51 5.97 1.57
C PRO D 41 18.98 5.73 1.24
N GLY D 42 19.71 6.83 1.08
CA GLY D 42 21.12 6.79 0.76
C GLY D 42 21.44 6.58 -0.71
N GLN D 43 20.53 6.02 -1.49
CA GLN D 43 20.76 5.77 -2.89
C GLN D 43 20.37 6.99 -3.71
N GLY D 44 20.34 6.84 -5.04
CA GLY D 44 20.03 7.94 -5.93
C GLY D 44 18.61 7.90 -6.46
N LEU D 45 18.30 8.89 -7.31
CA LEU D 45 16.98 8.99 -7.91
C LEU D 45 16.77 7.89 -8.94
N GLU D 46 15.56 7.35 -8.96
CA GLU D 46 15.19 6.29 -9.90
C GLU D 46 13.86 6.64 -10.53
N TRP D 47 13.87 6.87 -11.84
CA TRP D 47 12.65 7.23 -12.56
C TRP D 47 11.65 6.08 -12.54
N MET D 48 10.36 6.42 -12.44
CA MET D 48 9.29 5.43 -12.40
C MET D 48 8.44 5.42 -13.65
N GLY D 49 7.90 6.57 -14.06
CA GLY D 49 7.06 6.62 -15.23
C GLY D 49 6.46 8.00 -15.41
N TRP D 50 5.55 8.08 -16.38
CA TRP D 50 4.88 9.34 -16.72
C TRP D 50 3.47 9.03 -17.16
N ILE D 51 2.54 9.90 -16.80
CA ILE D 51 1.14 9.79 -17.21
C ILE D 51 0.63 11.16 -17.63
N SER D 52 -0.10 11.20 -18.74
CA SER D 52 -0.70 12.42 -19.21
C SER D 52 -2.00 12.69 -18.45
N THR D 53 -2.18 13.92 -18.00
CA THR D 53 -3.39 14.34 -17.31
C THR D 53 -4.52 14.67 -18.26
N TYR D 54 -4.33 14.45 -19.56
CA TYR D 54 -5.32 14.76 -20.59
C TYR D 54 -6.03 13.55 -21.15
N ASN D 55 -5.30 12.47 -21.43
CA ASN D 55 -5.90 11.26 -22.01
C ASN D 55 -5.69 10.01 -21.18
N GLY D 56 -4.60 9.93 -20.41
CA GLY D 56 -4.34 8.77 -19.59
C GLY D 56 -3.26 7.83 -20.10
N ASN D 57 -2.44 8.26 -21.06
CA ASN D 57 -1.37 7.41 -21.55
C ASN D 57 -0.35 7.15 -20.45
N THR D 58 0.10 5.90 -20.36
CA THR D 58 1.03 5.46 -19.33
C THR D 58 2.32 5.00 -19.98
N ASN D 59 3.44 5.53 -19.49
CA ASN D 59 4.78 5.19 -19.99
C ASN D 59 5.63 4.79 -18.80
N TYR D 60 5.58 3.52 -18.41
CA TYR D 60 6.31 3.02 -17.26
C TYR D 60 7.74 2.65 -17.65
N ALA D 61 8.59 2.57 -16.64
CA ALA D 61 9.93 2.04 -16.82
C ALA D 61 9.90 0.52 -16.94
N GLN D 62 10.95 -0.04 -17.55
CA GLN D 62 10.99 -1.47 -17.77
C GLN D 62 11.01 -2.25 -16.45
N LYS D 63 11.78 -1.75 -15.48
CA LYS D 63 11.86 -2.41 -14.18
C LYS D 63 10.53 -2.39 -13.43
N PHE D 64 9.62 -1.50 -13.80
CA PHE D 64 8.35 -1.36 -13.10
C PHE D 64 7.15 -1.82 -13.90
N GLN D 65 7.32 -2.18 -15.18
CA GLN D 65 6.21 -2.62 -16.00
C GLN D 65 5.59 -3.88 -15.41
N GLY D 66 4.25 -3.92 -15.40
CA GLY D 66 3.52 -4.99 -14.75
C GLY D 66 3.34 -4.81 -13.25
N ARG D 67 3.85 -3.72 -12.68
CA ARG D 67 3.75 -3.44 -11.26
C ARG D 67 3.09 -2.11 -10.95
N VAL D 68 3.34 -1.09 -11.77
CA VAL D 68 2.89 0.28 -11.50
C VAL D 68 1.66 0.56 -12.36
N THR D 69 0.64 1.16 -11.73
CA THR D 69 -0.58 1.57 -12.41
C THR D 69 -0.84 3.04 -12.07
N MET D 70 -0.33 3.94 -12.90
CA MET D 70 -0.52 5.36 -12.69
C MET D 70 -1.87 5.79 -13.24
N THR D 71 -2.61 6.57 -12.44
CA THR D 71 -3.92 7.07 -12.84
C THR D 71 -4.02 8.55 -12.50
N THR D 72 -4.86 9.26 -13.26
CA THR D 72 -5.08 10.68 -13.06
C THR D 72 -6.57 10.95 -12.94
N ASP D 73 -6.94 11.80 -11.98
CA ASP D 73 -8.32 12.21 -11.76
C ASP D 73 -8.43 13.69 -12.11
N THR D 74 -9.16 14.00 -13.18
CA THR D 74 -9.27 15.39 -13.62
C THR D 74 -10.15 16.19 -12.67
N SER D 75 -11.21 15.59 -12.13
CA SER D 75 -12.13 16.33 -11.27
C SER D 75 -11.44 16.82 -10.01
N THR D 76 -10.64 15.97 -9.37
CA THR D 76 -9.94 16.33 -8.15
C THR D 76 -8.53 16.85 -8.40
N THR D 77 -8.08 16.88 -9.66
CA THR D 77 -6.72 17.31 -10.01
C THR D 77 -5.67 16.55 -9.20
N THR D 78 -5.86 15.24 -9.08
CA THR D 78 -4.97 14.39 -8.29
C THR D 78 -4.48 13.23 -9.15
N GLY D 79 -3.17 13.01 -9.15
CA GLY D 79 -2.56 11.89 -9.83
C GLY D 79 -2.15 10.82 -8.83
N TYR D 80 -2.43 9.56 -9.19
CA TYR D 80 -2.23 8.42 -8.29
C TYR D 80 -1.15 7.51 -8.85
N MET D 81 -0.18 7.17 -8.01
CA MET D 81 0.87 6.22 -8.35
C MET D 81 0.73 5.00 -7.46
N GLU D 82 0.80 3.82 -8.06
CA GLU D 82 0.59 2.57 -7.35
C GLU D 82 1.74 1.61 -7.67
N LEU D 83 2.09 0.78 -6.69
CA LEU D 83 3.10 -0.27 -6.87
C LEU D 83 2.67 -1.50 -6.09
N ARG D 84 2.44 -2.60 -6.79
CA ARG D 84 1.96 -3.84 -6.20
C ARG D 84 3.13 -4.79 -5.94
N ARG D 85 2.86 -5.80 -5.12
CA ARG D 85 3.86 -6.79 -4.72
C ARG D 85 5.11 -6.10 -4.16
N LEU D 86 4.88 -5.28 -3.14
CA LEU D 86 5.94 -4.46 -2.58
C LEU D 86 7.07 -5.34 -2.03
N ARG D 87 8.29 -5.03 -2.44
CA ARG D 87 9.48 -5.73 -2.00
C ARG D 87 10.15 -4.96 -0.87
N SER D 88 10.97 -5.65 -0.09
CA SER D 88 11.80 -4.97 0.89
C SER D 88 12.76 -4.00 0.21
N ASP D 89 13.19 -4.32 -1.02
CA ASP D 89 13.96 -3.38 -1.81
C ASP D 89 13.13 -2.16 -2.20
N ASP D 90 11.81 -2.32 -2.29
CA ASP D 90 10.92 -1.21 -2.66
C ASP D 90 10.54 -0.39 -1.43
N THR D 91 11.57 0.12 -0.76
CA THR D 91 11.41 1.01 0.39
C THR D 91 12.14 2.31 0.05
N ALA D 92 11.38 3.39 -0.11
CA ALA D 92 11.94 4.66 -0.58
C ALA D 92 10.93 5.77 -0.28
N VAL D 93 11.24 6.96 -0.79
CA VAL D 93 10.33 8.10 -0.75
C VAL D 93 9.96 8.43 -2.19
N TYR D 94 8.67 8.31 -2.52
CA TYR D 94 8.21 8.50 -3.88
C TYR D 94 7.94 9.97 -4.13
N TYR D 95 8.60 10.53 -5.13
CA TYR D 95 8.50 11.95 -5.44
C TYR D 95 7.58 12.18 -6.63
N CYS D 96 6.77 13.23 -6.54
CA CYS D 96 5.83 13.61 -7.59
C CYS D 96 6.21 14.99 -8.11
N ALA D 97 6.33 15.13 -9.42
CA ALA D 97 6.77 16.38 -10.03
C ALA D 97 5.99 16.63 -11.31
N ARG D 98 5.97 17.91 -11.71
CA ARG D 98 5.34 18.30 -12.96
C ARG D 98 6.29 18.05 -14.12
N ASP D 99 5.77 17.43 -15.18
CA ASP D 99 6.60 16.98 -16.29
C ASP D 99 6.52 17.98 -17.44
N TYR D 100 7.67 18.52 -17.84
CA TYR D 100 7.80 19.31 -19.05
C TYR D 100 8.80 18.67 -20.00
N THR D 101 8.94 17.35 -19.93
CA THR D 101 9.80 16.61 -20.85
C THR D 101 9.02 15.81 -21.89
N ARG D 102 7.73 15.57 -21.66
CA ARG D 102 6.89 14.86 -22.62
C ARG D 102 5.53 15.54 -22.69
N GLY D 103 5.07 15.80 -23.91
CA GLY D 103 3.78 16.45 -24.12
C GLY D 103 2.61 15.70 -23.54
N ALA D 104 1.75 16.39 -22.80
CA ALA D 104 0.59 15.74 -22.19
C ALA D 104 -0.47 15.41 -23.23
N TRP D 105 -0.77 16.34 -24.12
CA TRP D 105 -1.85 16.13 -25.09
C TRP D 105 -1.45 15.11 -26.14
N PHE D 106 -0.26 15.24 -26.71
CA PHE D 106 0.17 14.41 -27.84
C PHE D 106 1.08 13.27 -27.39
N GLY D 107 2.19 13.58 -26.74
CA GLY D 107 3.08 12.54 -26.23
C GLY D 107 4.47 12.57 -26.81
N GLU D 108 4.86 13.68 -27.42
CA GLU D 108 6.21 13.81 -27.96
C GLU D 108 7.17 14.26 -26.86
N SER D 109 8.42 14.51 -27.25
CA SER D 109 9.46 14.93 -26.32
C SER D 109 9.56 16.45 -26.28
N LEU D 110 9.65 17.00 -25.08
CA LEU D 110 9.66 18.45 -24.87
C LEU D 110 10.99 18.90 -24.29
N ILE D 111 11.31 20.16 -24.51
CA ILE D 111 12.53 20.77 -23.99
C ILE D 111 12.22 21.27 -22.58
N GLY D 112 12.63 20.51 -21.57
CA GLY D 112 12.38 20.88 -20.20
C GLY D 112 12.82 19.79 -19.25
N GLY D 113 12.53 20.02 -17.98
CA GLY D 113 12.83 19.07 -16.93
C GLY D 113 11.71 18.92 -15.93
N PHE D 114 11.96 18.25 -14.83
CA PHE D 114 10.98 18.09 -13.77
C PHE D 114 11.02 19.31 -12.85
N ASP D 115 9.86 19.90 -12.61
CA ASP D 115 9.75 21.07 -11.74
C ASP D 115 8.61 20.87 -10.76
N ASN D 116 8.70 21.59 -9.63
CA ASN D 116 7.70 21.55 -8.57
C ASN D 116 7.53 20.12 -8.02
N TRP D 117 8.61 19.61 -7.45
CA TRP D 117 8.57 18.29 -6.82
C TRP D 117 7.75 18.34 -5.54
N GLY D 118 6.98 17.28 -5.31
CA GLY D 118 6.25 17.17 -4.08
C GLY D 118 7.14 16.85 -2.90
N GLN D 119 6.57 16.95 -1.70
CA GLN D 119 7.31 16.64 -0.49
C GLN D 119 7.67 15.17 -0.38
N GLY D 120 7.08 14.30 -1.19
CA GLY D 120 7.37 12.89 -1.14
C GLY D 120 6.47 12.14 -0.18
N THR D 121 6.64 10.81 -0.18
CA THR D 121 5.89 9.95 0.72
C THR D 121 6.79 8.78 1.09
N LEU D 122 7.16 8.69 2.36
CA LEU D 122 7.98 7.58 2.82
C LEU D 122 7.16 6.30 2.84
N VAL D 123 7.69 5.26 2.20
CA VAL D 123 7.04 3.95 2.15
C VAL D 123 8.04 2.91 2.64
N THR D 124 7.71 2.25 3.74
CA THR D 124 8.56 1.22 4.33
C THR D 124 7.87 -0.13 4.19
N VAL D 125 8.60 -1.11 3.68
CA VAL D 125 8.06 -2.45 3.42
C VAL D 125 8.85 -3.43 4.27
N SER D 126 8.25 -3.88 5.36
CA SER D 126 8.86 -4.88 6.22
C SER D 126 7.76 -5.56 7.03
N SER D 127 7.98 -6.82 7.37
CA SER D 127 6.99 -7.60 8.10
C SER D 127 7.01 -7.34 9.60
N ALA D 128 7.94 -6.53 10.08
CA ALA D 128 8.02 -6.23 11.51
C ALA D 128 6.81 -5.41 11.95
N SER D 129 6.50 -5.51 13.24
CA SER D 129 5.37 -4.81 13.84
C SER D 129 5.86 -3.59 14.61
N THR D 130 4.89 -2.73 14.97
CA THR D 130 5.20 -1.55 15.75
C THR D 130 5.71 -1.95 17.15
N LYS D 131 6.81 -1.35 17.57
CA LYS D 131 7.41 -1.66 18.86
C LYS D 131 8.15 -0.44 19.37
N GLY D 132 7.94 -0.12 20.65
CA GLY D 132 8.62 1.00 21.27
C GLY D 132 10.09 0.74 21.44
N PRO D 133 10.89 1.81 21.42
CA PRO D 133 12.34 1.64 21.56
C PRO D 133 12.75 1.47 23.01
N SER D 134 13.85 0.74 23.20
CA SER D 134 14.48 0.59 24.50
C SER D 134 15.68 1.52 24.57
N VAL D 135 15.66 2.44 25.54
CA VAL D 135 16.69 3.46 25.67
C VAL D 135 17.65 3.05 26.76
N PHE D 136 18.95 3.05 26.44
CA PHE D 136 19.99 2.71 27.37
C PHE D 136 20.98 3.87 27.50
N PRO D 137 21.49 4.14 28.70
CA PRO D 137 22.40 5.27 28.87
C PRO D 137 23.81 4.94 28.39
N LEU D 138 24.41 5.92 27.70
CA LEU D 138 25.80 5.82 27.26
C LEU D 138 26.59 6.81 28.12
N ALA D 139 27.06 6.33 29.28
CA ALA D 139 27.72 7.16 30.26
C ALA D 139 29.21 7.31 29.95
N PRO D 140 29.81 8.44 30.29
CA PRO D 140 31.25 8.60 30.09
C PRO D 140 32.05 7.79 31.10
N SER D 141 33.30 7.54 30.74
CA SER D 141 34.22 6.77 31.58
C SER D 141 35.59 7.44 31.51
N SER D 142 36.60 6.73 32.02
CA SER D 142 37.97 7.26 31.98
C SER D 142 38.52 7.28 30.56
N LYS D 143 38.09 6.35 29.72
CA LYS D 143 38.57 6.28 28.34
C LYS D 143 37.84 7.26 27.40
N SER D 144 36.76 7.89 27.87
CA SER D 144 36.03 8.87 27.08
C SER D 144 36.39 10.30 27.46
N THR D 145 37.40 10.49 28.30
CA THR D 145 37.82 11.81 28.75
C THR D 145 39.18 12.12 28.14
N SER D 146 39.22 13.13 27.28
CA SER D 146 40.46 13.55 26.63
C SER D 146 40.24 14.92 26.02
N GLY D 147 41.21 15.81 26.22
CA GLY D 147 41.10 17.17 25.72
C GLY D 147 40.25 18.10 26.55
N GLY D 148 39.80 17.65 27.72
CA GLY D 148 38.95 18.46 28.57
C GLY D 148 37.47 18.33 28.33
N THR D 149 37.06 17.56 27.31
CA THR D 149 35.66 17.40 26.97
C THR D 149 35.31 15.92 26.92
N ALA D 150 34.21 15.54 27.57
CA ALA D 150 33.76 14.15 27.63
C ALA D 150 32.44 14.00 26.90
N ALA D 151 32.23 12.82 26.33
CA ALA D 151 31.04 12.52 25.54
C ALA D 151 30.09 11.62 26.31
N LEU D 152 28.80 11.77 26.01
CA LEU D 152 27.76 10.96 26.64
C LEU D 152 26.51 11.02 25.78
N GLY D 153 25.60 10.08 26.04
CA GLY D 153 24.37 10.04 25.27
C GLY D 153 23.51 8.86 25.68
N CYS D 154 22.55 8.53 24.82
CA CYS D 154 21.66 7.40 25.03
C CYS D 154 21.57 6.58 23.75
N LEU D 155 21.32 5.28 23.92
CA LEU D 155 21.22 4.33 22.81
C LEU D 155 19.76 4.00 22.56
N VAL D 156 19.25 4.41 21.41
CA VAL D 156 17.88 4.13 21.00
C VAL D 156 17.93 2.90 20.09
N LYS D 157 17.38 1.79 20.56
CA LYS D 157 17.53 0.51 19.89
C LYS D 157 16.17 -0.19 19.75
N ASP D 158 16.05 -0.97 18.68
CA ASP D 158 14.93 -1.88 18.48
C ASP D 158 13.59 -1.13 18.44
N TYR D 159 13.43 -0.28 17.43
CA TYR D 159 12.18 0.40 17.19
C TYR D 159 11.82 0.35 15.72
N PHE D 160 10.51 0.41 15.44
CA PHE D 160 9.96 0.39 14.10
C PHE D 160 8.49 0.80 14.17
N PRO D 161 8.01 1.66 13.25
CA PRO D 161 8.77 2.28 12.16
C PRO D 161 9.42 3.61 12.55
N GLU D 162 10.21 4.16 11.62
CA GLU D 162 10.82 5.45 11.81
C GLU D 162 9.78 6.56 11.73
N PRO D 163 10.07 7.77 12.23
CA PRO D 163 11.30 8.25 12.88
C PRO D 163 11.21 8.37 14.40
N VAL D 164 12.26 8.93 14.99
CA VAL D 164 12.31 9.22 16.42
C VAL D 164 12.86 10.62 16.62
N THR D 165 12.29 11.36 17.57
CA THR D 165 12.75 12.70 17.89
C THR D 165 13.54 12.65 19.19
N VAL D 166 14.78 13.12 19.15
CA VAL D 166 15.71 13.00 20.27
C VAL D 166 16.30 14.38 20.57
N SER D 167 16.22 14.80 21.83
CA SER D 167 16.81 16.05 22.27
C SER D 167 17.15 15.95 23.76
N TRP D 168 18.09 16.79 24.19
CA TRP D 168 18.60 16.74 25.56
C TRP D 168 17.98 17.83 26.41
N ASN D 169 17.88 17.55 27.71
CA ASN D 169 17.51 18.54 28.73
C ASN D 169 16.21 19.24 28.38
N SER D 170 15.21 18.45 27.98
CA SER D 170 13.88 18.96 27.62
C SER D 170 13.98 20.01 26.51
N GLY D 171 14.90 19.79 25.58
CA GLY D 171 15.08 20.71 24.46
C GLY D 171 15.97 21.90 24.73
N ALA D 172 16.71 21.91 25.84
CA ALA D 172 17.58 23.03 26.16
C ALA D 172 18.99 22.85 25.62
N LEU D 173 19.59 21.68 25.85
CA LEU D 173 20.96 21.42 25.41
C LEU D 173 20.96 21.18 23.90
N THR D 174 21.58 22.09 23.15
CA THR D 174 21.60 22.02 21.70
C THR D 174 23.01 21.87 21.13
N SER D 175 23.95 22.71 21.57
CA SER D 175 25.29 22.68 21.01
C SER D 175 26.01 21.40 21.41
N GLY D 176 26.69 20.78 20.44
CA GLY D 176 27.44 19.57 20.66
C GLY D 176 26.66 18.28 20.50
N VAL D 177 25.35 18.36 20.28
CA VAL D 177 24.52 17.17 20.13
C VAL D 177 24.66 16.63 18.71
N HIS D 178 24.88 15.31 18.60
CA HIS D 178 25.01 14.64 17.31
C HIS D 178 24.08 13.43 17.32
N THR D 179 22.91 13.57 16.67
CA THR D 179 21.96 12.47 16.53
C THR D 179 22.29 11.72 15.24
N PHE D 180 22.71 10.47 15.38
CA PHE D 180 23.11 9.68 14.23
C PHE D 180 21.90 9.04 13.57
N PRO D 181 21.88 8.95 12.24
CA PRO D 181 20.78 8.24 11.57
C PRO D 181 20.73 6.77 11.98
N ALA D 182 19.53 6.23 12.03
CA ALA D 182 19.33 4.86 12.48
C ALA D 182 19.67 3.86 11.37
N VAL D 183 20.36 2.80 11.76
CA VAL D 183 20.69 1.72 10.83
C VAL D 183 19.62 0.64 10.93
N LEU D 184 19.49 -0.14 9.86
CA LEU D 184 18.50 -1.20 9.79
C LEU D 184 19.14 -2.51 10.28
N GLN D 185 18.67 -3.00 11.42
CA GLN D 185 19.19 -4.24 11.98
C GLN D 185 18.70 -5.44 11.17
N SER D 186 19.37 -6.58 11.37
CA SER D 186 18.99 -7.79 10.65
C SER D 186 17.58 -8.25 11.02
N SER D 187 17.14 -7.96 12.25
CA SER D 187 15.79 -8.31 12.66
C SER D 187 14.73 -7.41 12.05
N GLY D 188 15.13 -6.32 11.39
CA GLY D 188 14.19 -5.40 10.78
C GLY D 188 13.92 -4.15 11.57
N LEU D 189 14.55 -3.99 12.73
CA LEU D 189 14.35 -2.82 13.58
C LEU D 189 15.50 -1.82 13.40
N TYR D 190 15.34 -0.65 13.99
CA TYR D 190 16.29 0.45 13.85
C TYR D 190 17.01 0.70 15.16
N SER D 191 18.32 0.94 15.06
CA SER D 191 19.15 1.28 16.20
C SER D 191 19.75 2.67 15.99
N LEU D 192 19.57 3.55 16.97
CA LEU D 192 19.99 4.94 16.86
C LEU D 192 20.78 5.34 18.09
N SER D 193 21.77 6.21 17.88
CA SER D 193 22.58 6.74 18.97
C SER D 193 22.73 8.24 18.78
N SER D 194 22.57 8.99 19.88
CA SER D 194 22.77 10.42 19.88
C SER D 194 23.74 10.77 21.02
N VAL D 195 24.74 11.59 20.70
CA VAL D 195 25.80 11.91 21.65
C VAL D 195 25.96 13.42 21.75
N VAL D 196 26.50 13.86 22.89
CA VAL D 196 26.78 15.27 23.14
C VAL D 196 28.18 15.38 23.75
N THR D 197 28.81 16.53 23.52
CA THR D 197 30.13 16.81 24.06
C THR D 197 30.01 17.94 25.08
N VAL D 198 30.50 17.68 26.29
CA VAL D 198 30.49 18.67 27.37
C VAL D 198 31.86 18.69 28.02
N PRO D 199 32.30 19.82 28.59
CA PRO D 199 33.62 19.86 29.23
C PRO D 199 33.68 18.90 30.41
N SER D 200 34.89 18.41 30.68
CA SER D 200 35.07 17.45 31.77
C SER D 200 35.18 18.18 33.10
N SER D 201 34.24 19.10 33.35
CA SER D 201 34.04 19.72 34.66
C SER D 201 32.59 19.80 35.08
N SER D 202 31.64 19.76 34.15
CA SER D 202 30.23 19.70 34.45
C SER D 202 29.71 18.28 34.59
N LEU D 203 30.61 17.28 34.51
CA LEU D 203 30.19 15.88 34.62
C LEU D 203 29.58 15.59 35.99
N GLY D 204 30.18 16.14 37.05
CA GLY D 204 29.73 15.91 38.40
C GLY D 204 28.85 16.99 39.00
N THR D 205 28.43 17.99 38.22
CA THR D 205 27.61 19.08 38.74
C THR D 205 26.24 19.14 38.07
N GLN D 206 26.19 19.11 36.73
CA GLN D 206 24.94 19.22 36.00
C GLN D 206 24.58 17.86 35.43
N THR D 207 23.41 17.34 35.83
CA THR D 207 22.95 16.06 35.33
C THR D 207 22.24 16.25 34.00
N TYR D 208 22.60 15.41 33.02
CA TYR D 208 22.01 15.47 31.69
C TYR D 208 20.97 14.38 31.54
N ILE D 209 19.77 14.76 31.12
CA ILE D 209 18.65 13.86 30.93
C ILE D 209 18.35 13.78 29.44
N CYS D 210 18.23 12.56 28.92
CA CYS D 210 18.01 12.35 27.50
C CYS D 210 16.55 12.00 27.25
N ASN D 211 15.96 12.67 26.26
CA ASN D 211 14.54 12.49 25.92
C ASN D 211 14.45 11.80 24.56
N VAL D 212 13.81 10.64 24.55
CA VAL D 212 13.63 9.85 23.33
C VAL D 212 12.14 9.70 23.09
N ASN D 213 11.70 10.04 21.87
CA ASN D 213 10.30 10.01 21.51
C ASN D 213 10.14 9.31 20.17
N HIS D 214 9.61 8.09 20.20
CA HIS D 214 9.21 7.37 18.99
C HIS D 214 7.75 7.69 18.76
N LYS D 215 7.48 8.75 18.00
CA LYS D 215 6.15 9.33 17.94
C LYS D 215 5.08 8.37 17.42
N PRO D 216 5.29 7.62 16.31
CA PRO D 216 4.22 6.73 15.85
C PRO D 216 4.12 5.45 16.66
N SER D 217 4.30 5.56 17.96
CA SER D 217 3.92 4.49 18.88
C SER D 217 3.36 4.99 20.20
N ASN D 218 3.21 6.30 20.39
CA ASN D 218 2.84 6.91 21.67
C ASN D 218 3.82 6.47 22.77
N THR D 219 5.09 6.80 22.55
CA THR D 219 6.16 6.40 23.46
C THR D 219 7.09 7.58 23.68
N LYS D 220 7.15 8.08 24.90
CA LYS D 220 8.10 9.11 25.30
C LYS D 220 8.84 8.63 26.53
N VAL D 221 10.18 8.65 26.47
CA VAL D 221 11.02 8.11 27.52
C VAL D 221 12.02 9.18 27.96
N ASP D 222 12.11 9.40 29.27
CA ASP D 222 13.11 10.29 29.86
C ASP D 222 14.13 9.44 30.60
N LYS D 223 15.41 9.68 30.33
CA LYS D 223 16.48 8.88 30.92
C LYS D 223 17.65 9.77 31.31
N ARG D 224 18.17 9.55 32.51
CA ARG D 224 19.37 10.24 32.97
C ARG D 224 20.62 9.51 32.50
N VAL D 225 21.72 10.25 32.45
CA VAL D 225 23.03 9.71 32.08
C VAL D 225 24.01 10.14 33.18
N GLU D 226 24.25 9.24 34.15
CA GLU D 226 25.16 9.55 35.25
C GLU D 226 26.52 8.91 35.01
N PRO D 227 27.59 9.54 35.49
CA PRO D 227 28.94 8.98 35.28
C PRO D 227 29.08 7.61 35.95
N LYS D 228 29.91 6.77 35.33
CA LYS D 228 30.17 5.42 35.84
C LYS D 228 30.84 5.46 37.20
N GLU E 1 20.39 1.23 -23.64
CA GLU E 1 19.92 2.46 -22.99
C GLU E 1 21.03 3.50 -22.93
N ILE E 2 20.65 4.72 -22.53
CA ILE E 2 21.61 5.80 -22.30
C ILE E 2 21.83 5.92 -20.80
N VAL E 3 23.10 5.84 -20.38
CA VAL E 3 23.46 5.92 -18.98
C VAL E 3 24.23 7.20 -18.74
N LEU E 4 24.15 7.71 -17.51
CA LEU E 4 24.74 8.98 -17.13
C LEU E 4 25.81 8.74 -16.07
N THR E 5 26.98 9.35 -16.26
CA THR E 5 28.11 9.19 -15.35
C THR E 5 28.51 10.56 -14.83
N GLN E 6 28.45 10.74 -13.52
CA GLN E 6 28.84 11.98 -12.86
C GLN E 6 30.09 11.74 -12.04
N SER E 7 31.14 12.50 -12.32
CA SER E 7 32.40 12.38 -11.59
C SER E 7 32.90 13.76 -11.20
N PRO E 8 33.53 13.89 -10.02
CA PRO E 8 33.71 12.82 -9.03
C PRO E 8 32.47 12.59 -8.18
N GLY E 9 32.45 11.49 -7.41
CA GLY E 9 31.30 11.20 -6.58
C GLY E 9 31.11 12.18 -5.44
N THR E 10 32.19 12.83 -5.01
CA THR E 10 32.12 13.83 -3.95
C THR E 10 33.14 14.92 -4.26
N LEU E 11 32.66 16.14 -4.44
CA LEU E 11 33.50 17.27 -4.80
C LEU E 11 33.70 18.16 -3.58
N SER E 12 34.95 18.34 -3.17
CA SER E 12 35.29 19.12 -1.98
C SER E 12 35.83 20.48 -2.42
N LEU E 13 35.09 21.54 -2.08
CA LEU E 13 35.48 22.90 -2.41
C LEU E 13 35.02 23.83 -1.31
N SER E 14 35.80 24.86 -1.03
CA SER E 14 35.41 25.86 -0.05
C SER E 14 34.38 26.81 -0.65
N PRO E 15 33.54 27.42 0.18
CA PRO E 15 32.51 28.33 -0.35
C PRO E 15 33.09 29.55 -1.04
N GLY E 16 32.91 29.64 -2.36
CA GLY E 16 33.25 30.81 -3.11
C GLY E 16 34.45 30.74 -4.04
N GLU E 17 34.76 29.53 -4.50
CA GLU E 17 35.82 29.38 -5.52
C GLU E 17 35.09 29.27 -6.85
N ARG E 18 34.78 28.05 -7.28
CA ARG E 18 34.02 27.80 -8.53
C ARG E 18 33.80 26.30 -8.58
N ALA E 19 32.62 25.86 -9.00
CA ALA E 19 32.33 24.41 -9.01
C ALA E 19 31.89 23.99 -10.40
N THR E 20 32.80 23.41 -11.19
CA THR E 20 32.38 22.86 -12.50
C THR E 20 32.02 21.39 -12.30
N LEU E 21 30.81 20.99 -12.71
CA LEU E 21 30.34 19.60 -12.51
C LEU E 21 30.13 18.97 -13.89
N SER E 22 30.33 17.67 -14.03
CA SER E 22 30.26 17.07 -15.39
C SER E 22 29.37 15.84 -15.39
N CYS E 23 28.45 15.75 -16.36
CA CYS E 23 27.64 14.55 -16.49
C CYS E 23 27.99 13.88 -17.82
N ARG E 24 28.41 12.63 -17.76
CA ARG E 24 28.92 11.91 -18.92
C ARG E 24 27.88 10.91 -19.42
N ALA E 25 27.60 10.94 -20.72
CA ALA E 25 26.62 10.07 -21.34
C ALA E 25 27.33 9.06 -22.24
N SER E 26 26.84 7.83 -22.24
CA SER E 26 27.44 6.79 -23.06
C SER E 26 27.13 6.95 -24.54
N GLN E 27 26.07 7.68 -24.88
CA GLN E 27 25.67 7.88 -26.26
C GLN E 27 25.39 9.36 -26.50
N THR E 28 25.31 9.73 -27.77
CA THR E 28 25.07 11.13 -28.16
C THR E 28 23.63 11.48 -27.82
N VAL E 29 23.44 12.13 -26.67
CA VAL E 29 22.12 12.55 -26.21
C VAL E 29 21.84 13.95 -26.74
N SER E 30 20.61 14.17 -27.22
CA SER E 30 20.23 15.48 -27.73
C SER E 30 20.38 16.53 -26.64
N SER E 31 20.96 17.68 -27.02
CA SER E 31 21.20 18.74 -26.06
C SER E 31 19.90 19.26 -25.45
N THR E 32 18.81 19.25 -26.23
CA THR E 32 17.53 19.73 -25.71
C THR E 32 17.03 18.85 -24.57
N SER E 33 17.17 17.53 -24.70
CA SER E 33 16.62 16.60 -23.73
C SER E 33 17.69 16.23 -22.70
N LEU E 34 18.05 17.23 -21.90
CA LEU E 34 19.02 17.03 -20.83
C LEU E 34 18.80 18.12 -19.79
N ALA E 35 18.59 17.71 -18.53
CA ALA E 35 18.27 18.65 -17.46
C ALA E 35 19.16 18.38 -16.24
N TRP E 36 19.42 19.43 -15.49
CA TRP E 36 20.18 19.37 -14.25
C TRP E 36 19.29 19.64 -13.05
N TYR E 37 19.58 18.98 -11.93
CA TYR E 37 18.79 19.11 -10.72
C TYR E 37 19.69 19.37 -9.53
N GLN E 38 19.15 20.06 -8.53
CA GLN E 38 19.83 20.33 -7.28
C GLN E 38 18.93 19.89 -6.13
N GLN E 39 19.53 19.32 -5.09
CA GLN E 39 18.75 18.78 -3.98
C GLN E 39 19.52 18.99 -2.68
N LYS E 40 19.06 19.93 -1.86
CA LYS E 40 19.61 20.10 -0.53
C LYS E 40 19.21 18.90 0.34
N PRO E 41 20.00 18.60 1.39
CA PRO E 41 19.66 17.47 2.25
C PRO E 41 18.28 17.64 2.88
N GLY E 42 17.53 16.54 2.93
CA GLY E 42 16.20 16.56 3.50
C GLY E 42 15.19 17.39 2.73
N GLN E 43 15.38 17.54 1.43
CA GLN E 43 14.47 18.33 0.60
C GLN E 43 14.25 17.60 -0.73
N ALA E 44 13.57 18.27 -1.65
CA ALA E 44 13.22 17.74 -2.95
C ALA E 44 14.16 18.29 -4.02
N PRO E 45 14.29 17.60 -5.16
CA PRO E 45 15.11 18.11 -6.25
C PRO E 45 14.60 19.46 -6.74
N ARG E 46 15.53 20.32 -7.14
CA ARG E 46 15.24 21.68 -7.58
C ARG E 46 15.81 21.86 -8.98
N LEU E 47 14.93 22.09 -9.95
CA LEU E 47 15.35 22.12 -11.35
C LEU E 47 16.27 23.30 -11.61
N LEU E 48 17.49 23.00 -12.07
CA LEU E 48 18.50 24.02 -12.35
C LEU E 48 18.53 24.41 -13.82
N ILE E 49 18.78 23.45 -14.70
CA ILE E 49 18.97 23.70 -16.13
C ILE E 49 18.06 22.77 -16.91
N TYR E 50 17.51 23.26 -18.02
CA TYR E 50 16.85 22.41 -19.00
C TYR E 50 17.34 22.80 -20.39
N GLY E 51 17.42 21.80 -21.27
CA GLY E 51 17.99 22.02 -22.57
C GLY E 51 19.49 22.13 -22.60
N ALA E 52 20.16 21.85 -21.49
CA ALA E 52 21.61 21.85 -21.32
C ALA E 52 22.23 23.23 -21.45
N SER E 53 21.44 24.28 -21.74
CA SER E 53 21.97 25.63 -21.80
C SER E 53 21.06 26.68 -21.16
N SER E 54 19.80 26.37 -20.88
CA SER E 54 18.84 27.33 -20.36
C SER E 54 18.46 26.97 -18.93
N ARG E 55 18.52 27.93 -18.03
CA ARG E 55 18.20 27.71 -16.63
C ARG E 55 16.71 27.88 -16.40
N ALA E 56 16.19 27.14 -15.42
CA ALA E 56 14.78 27.22 -15.07
C ALA E 56 14.48 28.54 -14.37
N THR E 57 13.21 28.94 -14.41
CA THR E 57 12.79 30.16 -13.75
C THR E 57 12.99 30.04 -12.23
N GLY E 58 13.58 31.06 -11.63
CA GLY E 58 13.87 31.07 -10.22
C GLY E 58 15.28 30.64 -9.86
N ILE E 59 16.18 30.53 -10.81
CA ILE E 59 17.55 30.09 -10.58
C ILE E 59 18.47 31.29 -10.76
N PRO E 60 19.43 31.52 -9.86
CA PRO E 60 20.34 32.66 -10.01
C PRO E 60 21.20 32.53 -11.25
N ASP E 61 21.92 33.61 -11.56
CA ASP E 61 22.74 33.69 -12.76
C ASP E 61 24.06 32.92 -12.63
N ARG E 62 24.42 32.48 -11.43
CA ARG E 62 25.68 31.76 -11.26
C ARG E 62 25.59 30.30 -11.70
N PHE E 63 24.37 29.77 -11.88
CA PHE E 63 24.17 28.41 -12.33
C PHE E 63 23.92 28.42 -13.84
N SER E 64 24.79 27.75 -14.58
CA SER E 64 24.68 27.69 -16.03
C SER E 64 25.13 26.32 -16.53
N GLY E 65 24.42 25.80 -17.52
CA GLY E 65 24.75 24.53 -18.13
C GLY E 65 25.40 24.70 -19.49
N SER E 66 26.14 23.66 -19.89
CA SER E 66 26.83 23.68 -21.18
C SER E 66 27.11 22.24 -21.59
N GLY E 67 27.51 22.09 -22.85
CA GLY E 67 27.89 20.80 -23.39
C GLY E 67 27.15 20.48 -24.67
N SER E 68 27.64 19.46 -25.35
CA SER E 68 27.05 18.99 -26.60
C SER E 68 27.50 17.56 -26.85
N GLY E 69 26.58 16.74 -27.37
CA GLY E 69 26.89 15.35 -27.68
C GLY E 69 26.81 14.45 -26.47
N THR E 70 27.96 14.07 -25.92
CA THR E 70 28.02 13.26 -24.71
C THR E 70 28.74 13.95 -23.56
N ASP E 71 29.44 15.07 -23.81
CA ASP E 71 30.21 15.77 -22.80
C ASP E 71 29.46 17.05 -22.44
N PHE E 72 28.89 17.08 -21.24
CA PHE E 72 28.13 18.21 -20.75
C PHE E 72 28.68 18.67 -19.41
N THR E 73 28.54 19.97 -19.15
CA THR E 73 29.14 20.57 -17.96
C THR E 73 28.17 21.56 -17.33
N LEU E 74 27.93 21.40 -16.04
CA LEU E 74 27.21 22.38 -15.23
C LEU E 74 28.22 23.19 -14.43
N THR E 75 28.09 24.51 -14.49
CA THR E 75 29.08 25.41 -13.90
C THR E 75 28.41 26.33 -12.89
N ILE E 76 28.99 26.43 -11.70
CA ILE E 76 28.61 27.41 -10.70
C ILE E 76 29.76 28.40 -10.59
N SER E 77 29.52 29.65 -11.02
CA SER E 77 30.59 30.64 -11.07
C SER E 77 31.08 31.03 -9.68
N ARG E 78 30.25 30.87 -8.65
CA ARG E 78 30.64 31.23 -7.29
C ARG E 78 29.85 30.38 -6.31
N LEU E 79 30.55 29.59 -5.51
CA LEU E 79 29.87 28.72 -4.55
C LEU E 79 29.31 29.54 -3.39
N GLU E 80 28.06 29.29 -3.05
CA GLU E 80 27.39 29.95 -1.95
C GLU E 80 27.20 28.97 -0.79
N PRO E 81 27.01 29.46 0.44
CA PRO E 81 26.87 28.55 1.58
C PRO E 81 25.74 27.55 1.43
N GLU E 82 24.64 27.93 0.80
CA GLU E 82 23.52 27.02 0.59
C GLU E 82 23.65 26.19 -0.68
N ASP E 83 24.63 26.51 -1.54
CA ASP E 83 24.79 25.77 -2.79
C ASP E 83 25.40 24.38 -2.58
N PHE E 84 25.92 24.08 -1.40
CA PHE E 84 26.53 22.78 -1.13
C PHE E 84 25.42 21.76 -0.95
N ALA E 85 25.10 21.05 -2.03
CA ALA E 85 24.01 20.08 -2.02
C ALA E 85 24.34 18.97 -3.01
N VAL E 86 23.42 18.02 -3.13
CA VAL E 86 23.57 16.91 -4.07
C VAL E 86 22.92 17.30 -5.39
N TYR E 87 23.67 17.16 -6.48
CA TYR E 87 23.24 17.56 -7.81
C TYR E 87 22.95 16.33 -8.66
N TYR E 88 22.21 16.55 -9.74
CA TYR E 88 21.82 15.47 -10.63
C TYR E 88 21.76 15.98 -12.06
N CYS E 89 21.83 15.04 -13.00
CA CYS E 89 21.57 15.34 -14.41
C CYS E 89 20.68 14.24 -14.95
N GLN E 90 19.78 14.61 -15.87
CA GLN E 90 18.78 13.68 -16.40
C GLN E 90 18.58 13.93 -17.88
N GLN E 91 18.55 12.86 -18.66
CA GLN E 91 18.30 12.92 -20.10
C GLN E 91 17.00 12.20 -20.43
N HIS E 92 16.33 12.66 -21.48
CA HIS E 92 15.16 11.98 -21.99
C HIS E 92 15.15 11.91 -23.51
N ASP E 93 16.35 11.85 -24.12
CA ASP E 93 16.43 11.58 -25.55
C ASP E 93 15.94 10.18 -25.87
N THR E 94 16.29 9.20 -25.04
CA THR E 94 15.85 7.82 -25.17
C THR E 94 15.32 7.37 -23.82
N SER E 95 13.99 7.31 -23.71
CA SER E 95 13.30 6.96 -22.46
C SER E 95 13.70 7.99 -21.40
N LEU E 96 14.17 7.58 -20.23
CA LEU E 96 14.57 8.52 -19.19
C LEU E 96 15.61 7.87 -18.30
N THR E 97 16.61 8.65 -17.89
CA THR E 97 17.71 8.12 -17.08
C THR E 97 18.18 9.21 -16.12
N PHE E 98 18.44 8.82 -14.88
CA PHE E 98 18.99 9.70 -13.85
C PHE E 98 20.43 9.32 -13.56
N GLY E 99 21.24 10.32 -13.20
CA GLY E 99 22.63 10.10 -12.86
C GLY E 99 22.82 9.69 -11.41
N GLY E 100 24.07 9.40 -11.08
CA GLY E 100 24.38 9.01 -9.71
C GLY E 100 24.46 10.18 -8.75
N GLY E 101 24.83 11.35 -9.25
CA GLY E 101 24.90 12.53 -8.42
C GLY E 101 26.32 12.93 -8.08
N THR E 102 26.54 14.23 -7.93
CA THR E 102 27.83 14.79 -7.54
C THR E 102 27.60 15.75 -6.38
N LYS E 103 27.85 15.27 -5.16
CA LYS E 103 27.66 16.09 -3.97
C LYS E 103 28.80 17.10 -3.85
N VAL E 104 28.44 18.36 -3.64
CA VAL E 104 29.42 19.43 -3.46
C VAL E 104 29.65 19.60 -1.97
N GLU E 105 30.86 19.27 -1.53
CA GLU E 105 31.21 19.27 -0.11
C GLU E 105 32.08 20.49 0.21
N ILE E 106 31.98 20.94 1.46
CA ILE E 106 32.79 22.07 1.93
C ILE E 106 34.18 21.56 2.27
N LYS E 107 35.18 22.01 1.52
CA LYS E 107 36.56 21.64 1.81
C LYS E 107 37.09 22.48 2.96
N ARG E 108 37.82 21.83 3.86
CA ARG E 108 38.17 22.43 5.13
C ARG E 108 39.46 21.81 5.65
N THR E 109 40.15 22.54 6.53
CA THR E 109 41.37 22.05 7.14
C THR E 109 41.11 20.77 7.92
N VAL E 110 42.09 19.85 7.88
CA VAL E 110 41.93 18.55 8.50
C VAL E 110 41.92 18.70 10.01
N ALA E 111 40.96 18.04 10.66
CA ALA E 111 40.86 18.00 12.11
C ALA E 111 40.73 16.55 12.57
N ALA E 112 41.47 16.21 13.63
CA ALA E 112 41.48 14.85 14.11
C ALA E 112 40.18 14.51 14.86
N PRO E 113 39.74 13.26 14.80
CA PRO E 113 38.53 12.87 15.54
C PRO E 113 38.78 12.77 17.03
N SER E 114 37.69 12.81 17.79
CA SER E 114 37.68 12.54 19.22
C SER E 114 37.06 11.16 19.41
N VAL E 115 37.89 10.18 19.78
CA VAL E 115 37.48 8.78 19.83
C VAL E 115 37.06 8.44 21.26
N PHE E 116 35.90 7.81 21.40
CA PHE E 116 35.41 7.32 22.67
C PHE E 116 34.84 5.93 22.49
N ILE E 117 34.87 5.13 23.55
CA ILE E 117 34.30 3.79 23.55
C ILE E 117 33.37 3.67 24.76
N PHE E 118 32.19 3.10 24.54
CA PHE E 118 31.16 3.00 25.57
C PHE E 118 30.85 1.54 25.85
N PRO E 119 31.05 1.06 27.09
CA PRO E 119 30.65 -0.31 27.40
C PRO E 119 29.14 -0.45 27.37
N PRO E 120 28.62 -1.66 27.11
CA PRO E 120 27.17 -1.85 27.13
C PRO E 120 26.59 -1.58 28.50
N SER E 121 25.38 -1.05 28.52
CA SER E 121 24.73 -0.67 29.77
C SER E 121 24.31 -1.90 30.55
N ASP E 122 23.99 -1.68 31.83
CA ASP E 122 23.56 -2.78 32.69
C ASP E 122 22.22 -3.34 32.25
N GLU E 123 21.25 -2.45 31.97
CA GLU E 123 19.91 -2.90 31.62
C GLU E 123 19.92 -3.71 30.32
N GLN E 124 20.70 -3.27 29.33
CA GLN E 124 20.78 -4.01 28.07
C GLN E 124 21.36 -5.41 28.30
N LEU E 125 22.41 -5.50 29.13
CA LEU E 125 22.98 -6.81 29.45
C LEU E 125 22.00 -7.67 30.22
N LYS E 126 21.10 -7.07 30.99
CA LYS E 126 20.10 -7.84 31.72
C LYS E 126 19.08 -8.47 30.77
N SER E 127 18.80 -7.81 29.63
CA SER E 127 17.82 -8.33 28.68
C SER E 127 18.36 -9.46 27.82
N GLY E 128 19.68 -9.63 27.76
CA GLY E 128 20.27 -10.71 27.00
C GLY E 128 21.03 -10.30 25.75
N THR E 129 21.06 -9.01 25.42
CA THR E 129 21.77 -8.51 24.26
C THR E 129 22.81 -7.48 24.71
N ALA E 130 24.00 -7.54 24.13
CA ALA E 130 25.09 -6.64 24.47
C ALA E 130 25.56 -5.91 23.21
N SER E 131 25.56 -4.58 23.26
CA SER E 131 26.01 -3.77 22.14
C SER E 131 27.06 -2.79 22.63
N VAL E 132 28.24 -2.82 22.02
CA VAL E 132 29.33 -1.90 22.32
C VAL E 132 29.38 -0.84 21.24
N VAL E 133 29.59 0.42 21.64
CA VAL E 133 29.51 1.56 20.75
C VAL E 133 30.83 2.31 20.77
N CYS E 134 31.40 2.54 19.59
CA CYS E 134 32.51 3.46 19.41
C CYS E 134 31.98 4.75 18.79
N LEU E 135 32.70 5.85 19.03
CA LEU E 135 32.24 7.17 18.59
C LEU E 135 33.42 7.97 18.08
N LEU E 136 33.35 8.39 16.81
CA LEU E 136 34.29 9.35 16.24
C LEU E 136 33.58 10.70 16.17
N ASN E 137 34.16 11.70 16.81
CA ASN E 137 33.54 13.01 16.92
C ASN E 137 34.38 14.04 16.18
N ASN E 138 33.76 14.74 15.22
CA ASN E 138 34.34 15.91 14.56
C ASN E 138 35.67 15.58 13.88
N PHE E 139 35.57 14.73 12.85
CA PHE E 139 36.71 14.39 12.01
C PHE E 139 36.45 14.83 10.57
N TYR E 140 37.49 15.38 9.94
CA TYR E 140 37.48 15.73 8.53
C TYR E 140 38.86 15.42 7.97
N PRO E 141 38.95 14.81 6.78
CA PRO E 141 37.86 14.45 5.85
C PRO E 141 37.00 13.27 6.33
N ARG E 142 35.98 12.96 5.53
CA ARG E 142 35.02 11.92 5.91
C ARG E 142 35.68 10.55 6.02
N GLU E 143 36.75 10.32 5.27
CA GLU E 143 37.36 9.00 5.22
C GLU E 143 38.01 8.66 6.55
N ALA E 144 37.68 7.48 7.09
CA ALA E 144 38.24 6.98 8.33
C ALA E 144 37.98 5.49 8.41
N LYS E 145 38.87 4.79 9.11
CA LYS E 145 38.78 3.35 9.27
C LYS E 145 38.49 3.00 10.72
N VAL E 146 37.51 2.13 10.94
CA VAL E 146 37.12 1.68 12.27
C VAL E 146 37.14 0.17 12.30
N GLN E 147 37.85 -0.40 13.28
CA GLN E 147 37.93 -1.84 13.46
C GLN E 147 37.61 -2.21 14.89
N TRP E 148 36.84 -3.28 15.06
CA TRP E 148 36.51 -3.80 16.38
C TRP E 148 37.36 -5.04 16.66
N LYS E 149 38.05 -5.02 17.79
CA LYS E 149 38.95 -6.11 18.18
C LYS E 149 38.54 -6.61 19.55
N VAL E 150 38.27 -7.92 19.64
CA VAL E 150 37.93 -8.58 20.89
C VAL E 150 38.95 -9.67 21.14
N ASP E 151 39.70 -9.55 22.23
CA ASP E 151 40.83 -10.44 22.51
C ASP E 151 41.81 -10.47 21.35
N ASN E 152 42.11 -9.29 20.81
CA ASN E 152 43.01 -9.09 19.68
C ASN E 152 42.54 -9.78 18.40
N ALA E 153 41.28 -10.22 18.35
CA ALA E 153 40.75 -10.92 17.20
C ALA E 153 39.87 -9.98 16.37
N LEU E 154 39.96 -10.12 15.06
CA LEU E 154 39.17 -9.29 14.16
C LEU E 154 37.69 -9.59 14.31
N GLN E 155 36.88 -8.53 14.35
CA GLN E 155 35.42 -8.64 14.44
C GLN E 155 34.82 -7.96 13.23
N SER E 156 34.37 -8.76 12.26
CA SER E 156 33.75 -8.25 11.05
C SER E 156 32.48 -9.03 10.75
N GLY E 157 31.46 -8.32 10.28
CA GLY E 157 30.18 -8.92 9.95
C GLY E 157 29.10 -8.76 11.00
N ASN E 158 29.36 -7.99 12.07
CA ASN E 158 28.38 -7.78 13.11
C ASN E 158 28.28 -6.33 13.56
N SER E 159 29.12 -5.44 13.04
CA SER E 159 29.14 -4.04 13.45
C SER E 159 28.47 -3.18 12.38
N GLN E 160 27.59 -2.29 12.82
CA GLN E 160 26.93 -1.32 11.94
C GLN E 160 27.30 0.08 12.40
N GLU E 161 27.65 0.94 11.44
CA GLU E 161 28.07 2.30 11.75
C GLU E 161 27.22 3.29 10.96
N SER E 162 27.06 4.49 11.54
CA SER E 162 26.27 5.54 10.94
C SER E 162 27.06 6.84 10.94
N VAL E 163 26.82 7.66 9.92
CA VAL E 163 27.52 8.93 9.74
C VAL E 163 26.49 10.04 9.65
N THR E 164 26.87 11.22 10.15
CA THR E 164 26.03 12.40 10.06
C THR E 164 26.41 13.23 8.84
N GLU E 165 25.49 14.10 8.43
CA GLU E 165 25.78 15.04 7.36
C GLU E 165 26.81 16.05 7.82
N GLN E 166 27.44 16.72 6.85
CA GLN E 166 28.41 17.75 7.16
C GLN E 166 27.77 18.82 8.03
N ASP E 167 28.41 19.11 9.16
CA ASP E 167 27.80 19.98 10.17
C ASP E 167 27.64 21.41 9.65
N SER E 168 26.60 22.07 10.13
CA SER E 168 26.31 23.44 9.70
C SER E 168 27.17 24.48 10.40
N LYS E 169 27.92 24.11 11.43
CA LYS E 169 28.73 25.06 12.19
C LYS E 169 30.21 24.93 11.86
N ASP E 170 30.78 23.73 12.01
CA ASP E 170 32.20 23.51 11.76
C ASP E 170 32.45 22.64 10.54
N SER E 171 31.42 22.26 9.79
CA SER E 171 31.55 21.49 8.55
C SER E 171 32.37 20.22 8.77
N THR E 172 31.90 19.39 9.70
CA THR E 172 32.65 18.22 10.12
C THR E 172 31.70 17.07 10.38
N TYR E 173 32.21 15.84 10.22
CA TYR E 173 31.41 14.63 10.29
C TYR E 173 31.51 14.00 11.68
N SER E 174 30.78 12.89 11.85
CA SER E 174 30.83 12.08 13.06
C SER E 174 30.39 10.66 12.72
N LEU E 175 30.87 9.70 13.50
CA LEU E 175 30.59 8.30 13.26
C LEU E 175 30.14 7.62 14.55
N SER E 176 29.28 6.60 14.39
CA SER E 176 28.75 5.83 15.52
C SER E 176 28.68 4.37 15.11
N SER E 177 29.73 3.62 15.42
CA SER E 177 29.79 2.19 15.11
C SER E 177 29.21 1.39 16.26
N THR E 178 28.27 0.51 15.97
CA THR E 178 27.60 -0.31 16.97
C THR E 178 27.93 -1.77 16.72
N LEU E 179 28.62 -2.39 17.68
CA LEU E 179 28.97 -3.80 17.61
C LEU E 179 28.00 -4.58 18.51
N THR E 180 27.30 -5.54 17.92
CA THR E 180 26.27 -6.30 18.63
C THR E 180 26.81 -7.68 18.98
N LEU E 181 26.69 -8.04 20.26
CA LEU E 181 27.14 -9.33 20.77
C LEU E 181 26.07 -9.94 21.67
N SER E 182 25.93 -11.26 21.60
CA SER E 182 25.02 -11.94 22.51
C SER E 182 25.59 -11.89 23.93
N LYS E 183 24.70 -12.04 24.92
CA LYS E 183 25.12 -11.96 26.31
C LYS E 183 26.10 -13.08 26.65
N ALA E 184 25.88 -14.28 26.11
CA ALA E 184 26.81 -15.37 26.35
C ALA E 184 28.16 -15.10 25.70
N ASP E 185 28.17 -14.63 24.46
CA ASP E 185 29.44 -14.37 23.77
C ASP E 185 30.13 -13.12 24.33
N TYR E 186 29.37 -12.17 24.87
CA TYR E 186 29.98 -10.98 25.46
C TYR E 186 30.85 -11.35 26.67
N GLU E 187 30.38 -12.26 27.50
CA GLU E 187 31.11 -12.66 28.70
C GLU E 187 32.15 -13.74 28.42
N LYS E 188 32.26 -14.21 27.17
CA LYS E 188 33.31 -15.15 26.83
C LYS E 188 34.69 -14.50 26.92
N HIS E 189 34.79 -13.23 26.51
CA HIS E 189 36.06 -12.54 26.35
C HIS E 189 36.24 -11.50 27.45
N LYS E 190 37.33 -10.73 27.34
CA LYS E 190 37.68 -9.74 28.35
C LYS E 190 38.11 -8.39 27.78
N VAL E 191 38.45 -8.28 26.50
CA VAL E 191 39.01 -7.06 25.92
C VAL E 191 38.10 -6.58 24.79
N TYR E 192 37.82 -5.28 24.79
CA TYR E 192 37.04 -4.64 23.73
C TYR E 192 37.68 -3.32 23.38
N ALA E 193 37.82 -3.04 22.08
CA ALA E 193 38.47 -1.81 21.64
C ALA E 193 38.00 -1.48 20.23
N CYS E 194 38.20 -0.22 19.85
CA CYS E 194 37.93 0.23 18.49
C CYS E 194 39.11 1.09 18.03
N GLU E 195 39.86 0.59 17.05
CA GLU E 195 40.98 1.35 16.51
C GLU E 195 40.48 2.32 15.44
N VAL E 196 40.94 3.56 15.53
CA VAL E 196 40.52 4.62 14.61
C VAL E 196 41.75 5.11 13.85
N THR E 197 41.71 5.00 12.54
CA THR E 197 42.77 5.47 11.67
C THR E 197 42.23 6.61 10.81
N HIS E 198 42.77 7.81 11.01
CA HIS E 198 42.29 9.00 10.33
C HIS E 198 43.48 9.81 9.81
N GLN E 199 43.21 10.66 8.82
CA GLN E 199 44.25 11.50 8.25
C GLN E 199 44.83 12.46 9.28
N GLY E 200 44.01 12.92 10.22
CA GLY E 200 44.46 13.81 11.27
C GLY E 200 45.22 13.15 12.39
N LEU E 201 45.42 11.84 12.32
CA LEU E 201 46.17 11.09 13.31
C LEU E 201 47.46 10.58 12.69
N SER E 202 48.60 10.90 13.33
CA SER E 202 49.87 10.37 12.86
C SER E 202 49.90 8.86 12.94
N SER E 203 49.35 8.30 14.02
CA SER E 203 49.17 6.87 14.19
C SER E 203 47.74 6.61 14.64
N PRO E 204 47.18 5.44 14.31
CA PRO E 204 45.81 5.14 14.71
C PRO E 204 45.65 5.18 16.22
N VAL E 205 44.48 5.67 16.66
CA VAL E 205 44.17 5.80 18.08
C VAL E 205 43.30 4.63 18.50
N THR E 206 43.72 3.94 19.55
CA THR E 206 42.99 2.79 20.08
C THR E 206 42.50 3.11 21.49
N LYS E 207 41.20 2.96 21.70
CA LYS E 207 40.60 3.12 23.01
C LYS E 207 39.95 1.79 23.41
N SER E 208 40.31 1.30 24.60
CA SER E 208 39.93 -0.04 25.02
C SER E 208 39.39 -0.02 26.44
N PHE E 209 38.69 -1.09 26.80
CA PHE E 209 38.21 -1.28 28.15
C PHE E 209 38.08 -2.77 28.41
N ASN E 210 38.04 -3.14 29.69
CA ASN E 210 37.88 -4.52 30.10
C ASN E 210 36.55 -4.69 30.84
N ARG E 211 35.88 -5.80 30.60
CA ARG E 211 34.60 -6.07 31.25
C ARG E 211 34.81 -6.28 32.74
N GLY E 212 34.18 -5.43 33.55
CA GLY E 212 34.30 -5.51 34.99
C GLY E 212 35.29 -4.54 35.61
N GLU E 213 35.85 -3.62 34.83
CA GLU E 213 36.80 -2.64 35.35
C GLU E 213 36.27 -1.22 35.13
N THR F 15 -12.44 24.53 -19.49
CA THR F 15 -11.80 25.17 -20.67
C THR F 15 -10.39 24.61 -20.86
N ASN F 16 -10.28 23.40 -21.41
CA ASN F 16 -8.95 22.78 -21.67
C ASN F 16 -8.09 23.78 -22.43
N LEU F 17 -6.82 23.86 -22.10
CA LEU F 17 -5.95 24.86 -22.76
C LEU F 17 -5.33 24.19 -24.00
N CYS F 18 -5.18 24.94 -25.09
CA CYS F 18 -4.63 24.41 -26.32
C CYS F 18 -3.16 24.03 -26.12
N PRO F 19 -2.76 22.82 -26.49
CA PRO F 19 -1.38 22.39 -26.25
C PRO F 19 -0.37 23.03 -27.19
N PHE F 20 -0.22 24.36 -27.10
CA PHE F 20 0.78 25.04 -27.92
C PHE F 20 2.19 24.82 -27.40
N GLY F 21 2.35 24.52 -26.11
CA GLY F 21 3.68 24.30 -25.57
C GLY F 21 4.36 23.07 -26.13
N GLU F 22 3.62 21.96 -26.26
CA GLU F 22 4.19 20.73 -26.79
C GLU F 22 4.29 20.73 -28.31
N VAL F 23 3.84 21.79 -28.97
CA VAL F 23 4.00 21.94 -30.42
C VAL F 23 5.21 22.80 -30.76
N PHE F 24 5.30 23.98 -30.16
CA PHE F 24 6.42 24.88 -30.44
C PHE F 24 7.70 24.39 -29.77
N ASN F 25 7.60 23.95 -28.51
CA ASN F 25 8.78 23.64 -27.71
C ASN F 25 9.20 22.18 -27.82
N ALA F 26 8.65 21.43 -28.77
CA ALA F 26 9.07 20.05 -28.97
C ALA F 26 10.52 20.00 -29.42
N SER F 27 11.20 18.90 -29.09
CA SER F 27 12.64 18.79 -29.31
C SER F 27 12.97 18.24 -30.70
N LYS F 28 12.50 17.04 -31.02
CA LYS F 28 12.86 16.38 -32.27
C LYS F 28 11.82 16.68 -33.34
N PHE F 29 12.00 17.83 -34.00
CA PHE F 29 11.17 18.18 -35.13
C PHE F 29 11.47 17.27 -36.32
N ALA F 30 10.43 16.95 -37.09
CA ALA F 30 10.58 16.06 -38.22
C ALA F 30 11.13 16.81 -39.43
N SER F 31 11.52 16.04 -40.45
CA SER F 31 12.05 16.61 -41.67
C SER F 31 10.93 17.25 -42.49
N VAL F 32 11.33 18.10 -43.44
CA VAL F 32 10.35 18.82 -44.25
C VAL F 32 9.59 17.86 -45.16
N TYR F 33 10.24 16.81 -45.66
CA TYR F 33 9.57 15.85 -46.52
C TYR F 33 8.52 15.04 -45.76
N ALA F 34 8.59 15.00 -44.43
CA ALA F 34 7.64 14.31 -43.58
C ALA F 34 7.14 15.24 -42.48
N TRP F 35 6.75 16.45 -42.88
CA TRP F 35 6.31 17.46 -41.92
C TRP F 35 5.10 16.98 -41.12
N ASN F 36 5.15 17.18 -39.82
CA ASN F 36 4.13 16.65 -38.92
C ASN F 36 2.80 17.36 -39.10
N ARG F 37 1.72 16.59 -39.07
CA ARG F 37 0.36 17.12 -38.97
C ARG F 37 -0.12 16.88 -37.55
N LYS F 38 -0.51 17.96 -36.87
CA LYS F 38 -0.78 17.93 -35.43
C LYS F 38 -2.09 18.66 -35.17
N ARG F 39 -3.13 17.90 -34.85
CA ARG F 39 -4.47 18.46 -34.72
C ARG F 39 -4.68 19.03 -33.31
N ILE F 40 -5.24 20.24 -33.26
CA ILE F 40 -5.56 20.93 -32.02
C ILE F 40 -7.05 21.24 -32.04
N SER F 41 -7.77 20.77 -31.03
CA SER F 41 -9.23 20.91 -31.01
C SER F 41 -9.73 20.92 -29.57
N ASN F 42 -10.94 21.44 -29.41
CA ASN F 42 -11.65 21.45 -28.12
C ASN F 42 -10.79 22.09 -27.02
N CYS F 43 -10.32 23.31 -27.29
CA CYS F 43 -9.45 23.97 -26.33
C CYS F 43 -9.56 25.48 -26.48
N VAL F 44 -9.08 26.19 -25.47
CA VAL F 44 -9.05 27.65 -25.44
C VAL F 44 -7.59 28.08 -25.57
N ALA F 45 -7.32 28.93 -26.55
CA ALA F 45 -5.95 29.32 -26.90
C ALA F 45 -5.66 30.74 -26.44
N ASP F 46 -4.50 30.92 -25.81
CA ASP F 46 -4.01 32.25 -25.43
C ASP F 46 -2.93 32.64 -26.43
N TYR F 47 -3.32 33.43 -27.43
CA TYR F 47 -2.40 33.84 -28.48
C TYR F 47 -1.37 34.85 -28.02
N SER F 48 -1.52 35.40 -26.80
CA SER F 48 -0.60 36.43 -26.33
C SER F 48 0.82 35.89 -26.20
N VAL F 49 0.97 34.69 -25.65
CA VAL F 49 2.30 34.14 -25.43
C VAL F 49 3.04 33.94 -26.74
N LEU F 50 2.36 33.38 -27.74
CA LEU F 50 2.99 33.16 -29.03
C LEU F 50 3.32 34.47 -29.73
N TYR F 51 2.43 35.46 -29.65
CA TYR F 51 2.65 36.71 -30.35
C TYR F 51 3.65 37.60 -29.65
N ASN F 52 3.65 37.61 -28.31
CA ASN F 52 4.54 38.47 -27.55
C ASN F 52 5.96 37.91 -27.44
N SER F 53 6.18 36.65 -27.81
CA SER F 53 7.47 36.01 -27.58
C SER F 53 8.56 36.65 -28.42
N THR F 54 9.70 36.91 -27.80
CA THR F 54 10.85 37.49 -28.49
C THR F 54 11.58 36.47 -29.35
N SER F 55 11.62 35.20 -28.92
CA SER F 55 12.46 34.18 -29.54
C SER F 55 11.84 33.67 -30.84
N PHE F 56 11.70 34.57 -31.80
CA PHE F 56 11.28 34.21 -33.15
C PHE F 56 12.01 35.10 -34.15
N SER F 57 12.43 34.49 -35.27
CA SER F 57 13.15 35.21 -36.32
C SER F 57 12.17 35.84 -37.31
N THR F 58 11.34 35.01 -37.95
CA THR F 58 10.33 35.48 -38.89
C THR F 58 8.95 35.21 -38.30
N PHE F 59 8.14 36.26 -38.21
CA PHE F 59 6.79 36.18 -37.67
C PHE F 59 5.76 36.69 -38.67
N LYS F 60 6.03 36.53 -39.96
CA LYS F 60 5.16 37.09 -40.99
C LYS F 60 3.97 36.17 -41.20
N CYS F 61 2.82 36.61 -40.70
CA CYS F 61 1.53 35.91 -40.79
C CYS F 61 0.57 36.80 -41.55
N TYR F 62 0.35 36.50 -42.82
CA TYR F 62 -0.53 37.29 -43.66
C TYR F 62 -1.79 36.53 -44.08
N PRO F 66 -3.44 39.09 -37.67
CA PRO F 66 -2.50 38.58 -36.66
C PRO F 66 -3.00 38.72 -35.23
N THR F 67 -3.32 39.94 -34.80
CA THR F 67 -3.68 40.19 -33.41
C THR F 67 -5.18 40.20 -33.17
N LYS F 68 -5.96 40.60 -34.18
CA LYS F 68 -7.41 40.57 -34.10
C LYS F 68 -7.98 39.21 -34.47
N LEU F 69 -7.20 38.15 -34.25
CA LEU F 69 -7.62 36.77 -34.46
C LEU F 69 -8.15 36.12 -33.18
N ASN F 70 -7.80 36.67 -32.02
CA ASN F 70 -8.25 36.09 -30.76
C ASN F 70 -9.77 36.11 -30.65
N ASP F 71 -10.40 37.22 -31.03
CA ASP F 71 -11.86 37.29 -31.03
C ASP F 71 -12.50 36.53 -32.17
N LEU F 72 -11.71 35.86 -33.00
CA LEU F 72 -12.19 34.95 -34.03
C LEU F 72 -11.87 33.52 -33.63
N CYS F 73 -12.63 32.58 -34.16
CA CYS F 73 -12.24 31.18 -34.01
C CYS F 73 -12.82 30.34 -35.14
N PHE F 74 -12.26 29.13 -35.26
CA PHE F 74 -12.57 28.20 -36.32
C PHE F 74 -12.72 26.82 -35.70
N THR F 75 -12.95 25.82 -36.56
CA THR F 75 -13.19 24.47 -36.06
C THR F 75 -11.97 23.90 -35.36
N ASN F 76 -10.86 23.75 -36.10
CA ASN F 76 -9.65 23.15 -35.56
C ASN F 76 -8.44 23.95 -36.02
N VAL F 77 -7.37 23.85 -35.24
CA VAL F 77 -6.10 24.48 -35.53
C VAL F 77 -5.09 23.41 -35.87
N TYR F 78 -4.44 23.54 -37.02
CA TYR F 78 -3.46 22.56 -37.49
C TYR F 78 -2.05 23.06 -37.22
N ALA F 79 -1.25 22.22 -36.56
CA ALA F 79 0.14 22.54 -36.25
C ALA F 79 1.03 21.76 -37.21
N ASP F 80 1.71 22.49 -38.10
CA ASP F 80 2.61 21.89 -39.07
C ASP F 80 4.04 22.27 -38.68
N SER F 81 4.85 21.27 -38.36
CA SER F 81 6.21 21.48 -37.86
C SER F 81 7.21 20.73 -38.73
N PHE F 82 8.27 21.43 -39.12
CA PHE F 82 9.36 20.82 -39.89
C PHE F 82 10.59 21.71 -39.76
N VAL F 83 11.69 21.30 -40.38
CA VAL F 83 12.96 22.00 -40.30
C VAL F 83 13.47 22.28 -41.71
N VAL F 84 13.95 23.52 -41.92
CA VAL F 84 14.56 23.94 -43.16
C VAL F 84 15.78 24.79 -42.82
N LYS F 85 16.46 25.29 -43.86
CA LYS F 85 17.63 26.12 -43.66
C LYS F 85 17.21 27.57 -43.41
N GLY F 86 18.21 28.44 -43.20
CA GLY F 86 17.92 29.83 -42.92
C GLY F 86 17.31 30.58 -44.09
N ASP F 87 17.79 30.30 -45.30
CA ASP F 87 17.34 30.98 -46.50
C ASP F 87 16.17 30.27 -47.19
N GLU F 88 15.63 29.23 -46.57
CA GLU F 88 14.50 28.49 -47.13
C GLU F 88 13.18 28.83 -46.45
N VAL F 89 13.19 29.68 -45.42
CA VAL F 89 11.94 30.09 -44.78
C VAL F 89 11.14 31.07 -45.62
N ARG F 90 11.74 31.60 -46.69
CA ARG F 90 11.01 32.46 -47.62
C ARG F 90 10.21 31.66 -48.64
N GLN F 91 10.42 30.35 -48.74
CA GLN F 91 9.61 29.49 -49.58
C GLN F 91 8.35 29.00 -48.88
N ILE F 92 8.02 29.58 -47.73
CA ILE F 92 6.88 29.15 -46.94
C ILE F 92 5.76 30.19 -47.07
N ALA F 93 5.73 30.86 -48.21
CA ALA F 93 4.64 31.73 -48.60
C ALA F 93 3.73 31.02 -49.59
N PRO F 94 2.47 31.42 -49.69
CA PRO F 94 1.59 30.81 -50.70
C PRO F 94 2.11 31.06 -52.10
N GLY F 95 2.01 30.03 -52.95
CA GLY F 95 2.43 30.13 -54.34
C GLY F 95 3.88 30.50 -54.53
N GLN F 96 4.79 29.59 -54.16
CA GLN F 96 6.22 29.81 -54.29
C GLN F 96 6.83 28.74 -55.21
N THR F 97 7.97 29.09 -55.80
CA THR F 97 8.71 28.21 -56.68
C THR F 97 10.03 27.85 -56.01
N GLY F 98 10.28 26.56 -55.86
CA GLY F 98 11.51 26.10 -55.24
C GLY F 98 11.40 24.64 -54.86
N VAL F 99 12.51 24.14 -54.32
CA VAL F 99 12.57 22.73 -53.91
C VAL F 99 11.60 22.48 -52.76
N ILE F 100 11.55 23.40 -51.78
CA ILE F 100 10.69 23.21 -50.62
C ILE F 100 9.23 23.30 -51.02
N ALA F 101 8.88 24.30 -51.84
CA ALA F 101 7.47 24.57 -52.13
C ALA F 101 6.86 23.50 -53.04
N ASP F 102 7.64 22.96 -53.98
CA ASP F 102 7.08 22.07 -54.98
C ASP F 102 7.32 20.60 -54.71
N TYR F 103 8.29 20.25 -53.86
CA TYR F 103 8.70 18.86 -53.70
C TYR F 103 8.57 18.32 -52.28
N ASN F 104 8.42 19.18 -51.28
CA ASN F 104 8.30 18.71 -49.91
C ASN F 104 7.02 19.14 -49.22
N TYR F 105 6.58 20.38 -49.43
CA TYR F 105 5.48 20.94 -48.65
C TYR F 105 4.97 22.18 -49.36
N LYS F 106 3.66 22.21 -49.64
CA LYS F 106 3.05 23.24 -50.45
C LYS F 106 1.90 23.90 -49.68
N LEU F 107 1.72 25.20 -49.90
CA LEU F 107 0.67 25.98 -49.27
C LEU F 107 -0.37 26.41 -50.29
N PRO F 108 -1.65 26.44 -49.92
CA PRO F 108 -2.68 26.95 -50.82
C PRO F 108 -2.53 28.44 -51.03
N ASP F 109 -3.00 28.90 -52.20
CA ASP F 109 -2.93 30.33 -52.53
C ASP F 109 -3.83 31.17 -51.64
N ASP F 110 -4.79 30.56 -50.95
CA ASP F 110 -5.71 31.26 -50.07
C ASP F 110 -5.52 30.82 -48.63
N CYS F 114 -0.59 31.31 -40.13
CA CYS F 114 0.72 31.91 -39.95
C CYS F 114 1.83 30.89 -40.11
N VAL F 115 3.00 31.39 -40.48
CA VAL F 115 4.24 30.63 -40.48
C VAL F 115 5.24 31.40 -39.62
N ILE F 116 5.76 30.74 -38.59
CA ILE F 116 6.70 31.36 -37.66
C ILE F 116 7.99 30.53 -37.67
N ALA F 117 9.11 31.19 -37.89
CA ALA F 117 10.41 30.52 -37.97
C ALA F 117 11.36 31.11 -36.94
N TRP F 118 12.06 30.24 -36.23
CA TRP F 118 13.05 30.65 -35.25
C TRP F 118 14.31 29.81 -35.41
N ASN F 119 15.45 30.42 -35.09
CA ASN F 119 16.74 29.76 -35.25
C ASN F 119 16.87 28.57 -34.31
N SER F 120 17.49 27.50 -34.80
CA SER F 120 17.67 26.27 -34.04
C SER F 120 19.08 25.71 -34.22
N VAL F 121 20.09 26.57 -34.20
CA VAL F 121 21.46 26.10 -34.27
C VAL F 121 21.83 25.32 -33.02
N LYS F 122 21.46 25.84 -31.85
CA LYS F 122 21.84 25.24 -30.58
C LYS F 122 21.15 23.90 -30.33
N GLN F 123 20.13 23.55 -31.12
CA GLN F 123 19.30 22.40 -30.84
C GLN F 123 19.39 21.27 -31.86
N ASP F 124 19.90 21.53 -33.07
CA ASP F 124 20.02 20.48 -34.07
C ASP F 124 21.33 20.47 -34.82
N ALA F 125 22.24 21.41 -34.56
CA ALA F 125 23.54 21.46 -35.22
C ALA F 125 24.60 20.95 -34.25
N LEU F 126 25.28 19.87 -34.64
CA LEU F 126 26.30 19.24 -33.82
C LEU F 126 27.63 19.24 -34.55
N THR F 127 28.72 19.41 -33.79
CA THR F 127 30.05 19.38 -34.40
C THR F 127 30.36 18.01 -34.96
N GLY F 128 29.95 16.94 -34.26
CA GLY F 128 30.16 15.60 -34.78
C GLY F 128 29.44 15.34 -36.08
N GLY F 129 28.26 15.95 -36.26
CA GLY F 129 27.54 15.83 -37.51
C GLY F 129 26.19 15.15 -37.39
N ASN F 130 25.12 15.94 -37.50
CA ASN F 130 23.75 15.44 -37.51
C ASN F 130 23.14 15.78 -38.86
N TYR F 131 22.97 14.76 -39.71
CA TYR F 131 22.46 14.96 -41.06
C TYR F 131 21.15 14.23 -41.30
N GLY F 132 20.39 13.97 -40.24
CA GLY F 132 19.13 13.27 -40.37
C GLY F 132 17.99 14.07 -40.94
N TYR F 133 18.25 15.32 -41.32
CA TYR F 133 17.22 16.21 -41.84
C TYR F 133 17.35 16.26 -43.36
N LEU F 134 16.26 15.97 -44.06
CA LEU F 134 16.30 15.72 -45.50
C LEU F 134 15.35 16.66 -46.25
N TYR F 135 15.69 16.91 -47.51
CA TYR F 135 14.79 17.55 -48.46
C TYR F 135 14.62 16.63 -49.66
N ARG F 136 13.43 16.67 -50.25
CA ARG F 136 13.17 15.90 -51.47
C ARG F 136 13.56 16.77 -52.66
N LEU F 137 14.61 16.36 -53.37
CA LEU F 137 15.14 17.13 -54.49
C LEU F 137 14.46 16.80 -55.81
N PHE F 138 13.66 15.73 -55.87
CA PHE F 138 13.11 15.27 -57.13
C PHE F 138 11.68 14.77 -56.95
N ARG F 139 10.78 15.31 -57.76
CA ARG F 139 9.41 14.81 -57.86
C ARG F 139 8.87 15.22 -59.22
N LYS F 140 8.21 14.28 -59.91
CA LYS F 140 7.75 14.56 -61.27
C LYS F 140 6.72 15.68 -61.29
N SER F 141 5.78 15.66 -60.35
CA SER F 141 4.72 16.66 -60.28
C SER F 141 4.96 17.58 -59.09
N LYS F 142 4.88 18.89 -59.32
CA LYS F 142 4.96 19.85 -58.23
C LYS F 142 3.81 19.59 -57.26
N LEU F 143 4.13 19.60 -55.96
CA LEU F 143 3.16 19.18 -54.96
C LEU F 143 1.97 20.13 -54.91
N LYS F 144 0.77 19.55 -54.90
CA LYS F 144 -0.44 20.32 -54.69
C LYS F 144 -0.51 20.77 -53.24
N PRO F 145 -1.31 21.79 -52.94
CA PRO F 145 -1.36 22.33 -51.57
C PRO F 145 -1.70 21.25 -50.54
N PHE F 146 -0.90 21.22 -49.47
CA PHE F 146 -1.15 20.39 -48.29
C PHE F 146 -1.15 18.89 -48.64
N GLU F 147 -0.12 18.46 -49.35
CA GLU F 147 0.21 17.05 -49.53
C GLU F 147 1.45 16.72 -48.70
N ARG F 148 1.67 15.41 -48.52
CA ARG F 148 2.90 14.95 -47.86
C ARG F 148 3.26 13.60 -48.46
N ASP F 149 4.27 13.59 -49.32
CA ASP F 149 4.78 12.37 -49.93
C ASP F 149 5.97 11.89 -49.12
N ILE F 150 5.80 10.78 -48.40
CA ILE F 150 6.89 10.16 -47.66
C ILE F 150 7.51 9.01 -48.42
N SER F 151 7.05 8.73 -49.64
CA SER F 151 7.58 7.63 -50.42
C SER F 151 8.99 7.96 -50.91
N THR F 152 9.92 7.04 -50.66
CA THR F 152 11.30 7.17 -51.12
C THR F 152 11.47 6.32 -52.37
N GLU F 153 11.04 6.87 -53.50
CA GLU F 153 11.06 6.18 -54.78
C GLU F 153 12.29 6.59 -55.57
N ILE F 154 12.89 5.62 -56.26
CA ILE F 154 14.04 5.90 -57.11
C ILE F 154 13.57 6.78 -58.26
N TYR F 155 13.98 8.05 -58.25
CA TYR F 155 13.50 9.00 -59.24
C TYR F 155 14.04 8.65 -60.62
N GLN F 156 13.16 8.68 -61.62
CA GLN F 156 13.53 8.41 -63.01
C GLN F 156 13.65 9.72 -63.75
N ALA F 157 14.88 10.08 -64.13
CA ALA F 157 15.13 11.30 -64.91
C ALA F 157 15.36 11.02 -66.38
N GLY F 158 15.88 9.85 -66.73
CA GLY F 158 16.10 9.48 -68.11
C GLY F 158 14.94 8.70 -68.70
N SER F 159 15.13 8.27 -69.96
CA SER F 159 14.09 7.51 -70.63
C SER F 159 13.94 6.11 -70.06
N THR F 160 15.05 5.51 -69.62
CA THR F 160 15.00 4.13 -69.14
C THR F 160 14.24 4.04 -67.82
N PRO F 161 13.24 3.16 -67.71
CA PRO F 161 12.55 2.96 -66.42
C PRO F 161 13.39 2.12 -65.48
N CYS F 162 13.89 2.73 -64.42
CA CYS F 162 14.75 2.05 -63.48
C CYS F 162 13.95 1.42 -62.35
N ASN F 163 14.46 0.32 -61.82
CA ASN F 163 13.86 -0.38 -60.69
C ASN F 163 14.95 -0.61 -59.66
N GLY F 164 14.84 0.02 -58.50
CA GLY F 164 15.83 -0.13 -57.47
C GLY F 164 17.16 0.50 -57.84
N GLN F 165 18.13 -0.34 -58.20
CA GLN F 165 19.48 0.09 -58.59
C GLN F 165 19.44 1.34 -59.46
N VAL F 166 20.25 2.33 -59.08
CA VAL F 166 20.28 3.61 -59.76
C VAL F 166 21.33 3.60 -60.87
N ASN F 169 21.05 8.28 -64.74
CA ASN F 169 19.78 8.93 -65.02
C ASN F 169 18.74 8.62 -63.93
N CYS F 170 19.18 7.87 -62.92
CA CYS F 170 18.32 7.53 -61.80
C CYS F 170 19.12 7.67 -60.50
N TYR F 171 18.43 8.06 -59.44
CA TYR F 171 19.07 8.30 -58.16
C TYR F 171 18.00 8.42 -57.08
N TYR F 172 18.46 8.44 -55.83
CA TYR F 172 17.58 8.67 -54.70
C TYR F 172 17.03 10.09 -54.74
N PRO F 173 15.80 10.31 -54.29
CA PRO F 173 15.21 11.65 -54.32
C PRO F 173 15.45 12.50 -53.07
N LEU F 174 16.20 12.00 -52.09
CA LEU F 174 16.31 12.63 -50.79
C LEU F 174 17.78 12.79 -50.41
N GLU F 175 18.31 14.01 -50.56
CA GLU F 175 19.58 14.36 -49.96
C GLU F 175 19.33 14.88 -48.54
N ARG F 176 20.41 15.18 -47.82
CA ARG F 176 20.31 15.53 -46.41
C ARG F 176 20.86 16.92 -46.17
N TYR F 177 20.24 17.61 -45.22
CA TYR F 177 20.73 18.92 -44.77
C TYR F 177 22.00 18.73 -43.95
N GLY F 178 23.07 19.42 -44.35
CA GLY F 178 24.28 19.42 -43.56
C GLY F 178 24.26 20.54 -42.54
N PHE F 179 23.87 20.21 -41.30
CA PHE F 179 23.68 21.20 -40.26
C PHE F 179 24.82 21.10 -39.24
N HIS F 180 25.69 22.09 -39.24
CA HIS F 180 26.76 22.23 -38.27
C HIS F 180 26.74 23.63 -37.71
N PRO F 181 27.13 23.81 -36.44
CA PRO F 181 27.11 25.15 -35.83
C PRO F 181 28.16 26.10 -36.37
N THR F 182 29.03 25.66 -37.28
CA THR F 182 30.11 26.48 -37.80
C THR F 182 29.83 27.05 -39.19
N THR F 183 28.66 26.78 -39.76
CA THR F 183 28.35 27.21 -41.12
C THR F 183 27.97 28.69 -41.12
N GLY F 184 27.51 29.19 -42.26
CA GLY F 184 27.20 30.60 -42.41
C GLY F 184 25.93 31.00 -41.69
N VAL F 185 25.60 32.29 -41.82
CA VAL F 185 24.43 32.84 -41.14
C VAL F 185 23.15 32.18 -41.67
N ASN F 186 23.01 32.12 -42.98
CA ASN F 186 21.82 31.52 -43.59
C ASN F 186 21.95 30.01 -43.77
N TYR F 187 23.12 29.43 -43.55
CA TYR F 187 23.31 27.99 -43.65
C TYR F 187 23.18 27.35 -42.27
N GLN F 188 22.03 27.60 -41.65
CA GLN F 188 21.76 27.15 -40.29
C GLN F 188 20.39 26.49 -40.21
N PRO F 189 20.21 25.55 -39.28
CA PRO F 189 18.90 24.91 -39.13
C PRO F 189 17.88 25.87 -38.53
N PHE F 190 16.74 25.98 -39.19
CA PHE F 190 15.63 26.82 -38.73
C PHE F 190 14.37 25.95 -38.61
N ARG F 191 13.64 26.14 -37.52
CA ARG F 191 12.43 25.37 -37.26
C ARG F 191 11.21 26.21 -37.61
N VAL F 192 10.26 25.57 -38.30
CA VAL F 192 9.07 26.24 -38.81
C VAL F 192 7.84 25.58 -38.20
N VAL F 193 6.97 26.39 -37.61
CA VAL F 193 5.66 25.95 -37.15
C VAL F 193 4.62 26.72 -37.95
N VAL F 194 3.79 25.99 -38.69
CA VAL F 194 2.82 26.59 -39.60
C VAL F 194 1.45 26.52 -38.94
N LEU F 195 0.87 27.68 -38.65
CA LEU F 195 -0.48 27.76 -38.12
C LEU F 195 -1.47 27.72 -39.27
N SER F 196 -2.41 26.78 -39.22
CA SER F 196 -3.41 26.60 -40.27
C SER F 196 -4.80 26.69 -39.64
N PHE F 197 -5.54 27.74 -39.99
CA PHE F 197 -6.88 27.96 -39.48
C PHE F 197 -7.89 27.62 -40.57
N GLU F 198 -8.49 26.44 -40.45
CA GLU F 198 -9.55 26.00 -41.34
C GLU F 198 -10.84 25.85 -40.55
N LEU F 199 -11.96 25.91 -41.27
CA LEU F 199 -13.28 25.75 -40.66
C LEU F 199 -14.06 24.70 -41.44
N LEU F 200 -14.27 23.55 -40.82
CA LEU F 200 -15.17 22.51 -41.31
C LEU F 200 -16.58 22.80 -40.81
N ASN F 201 -17.47 21.81 -40.92
CA ASN F 201 -18.80 21.93 -40.34
C ASN F 201 -18.79 21.98 -38.82
N GLY F 202 -17.65 21.70 -38.18
CA GLY F 202 -17.55 21.72 -36.74
C GLY F 202 -17.94 23.05 -36.13
N PRO F 203 -18.35 23.03 -34.86
CA PRO F 203 -18.89 24.25 -34.26
C PRO F 203 -17.84 25.20 -33.70
N ALA F 204 -16.76 25.47 -34.44
CA ALA F 204 -15.77 26.50 -34.12
C ALA F 204 -15.35 26.46 -32.65
N THR F 205 -14.68 25.36 -32.29
CA THR F 205 -14.49 24.99 -30.89
C THR F 205 -13.13 25.39 -30.31
N VAL F 206 -12.40 26.30 -30.95
CA VAL F 206 -11.09 26.72 -30.45
C VAL F 206 -10.98 28.24 -30.56
N CYS F 207 -11.36 28.95 -29.48
CA CYS F 207 -11.06 30.37 -29.34
C CYS F 207 -10.81 30.69 -27.88
N GLY F 208 -10.18 31.83 -27.65
CA GLY F 208 -9.89 32.30 -26.30
C GLY F 208 -11.00 33.13 -25.70
C1 NAG G . -2.13 -18.05 24.05
C2 NAG G . -1.05 -19.04 23.59
C3 NAG G . 0.18 -18.30 23.08
C4 NAG G . -0.20 -17.26 22.03
C5 NAG G . -1.37 -16.39 22.49
C6 NAG G . -1.95 -15.55 21.38
C7 NAG G . -0.19 -19.90 25.82
C8 NAG G . 0.12 -18.51 26.29
N2 NAG G . -0.72 -20.06 24.59
O3 NAG G . 1.10 -19.24 22.54
O4 NAG G . 0.92 -16.42 21.79
O5 NAG G . -2.46 -17.19 22.97
O6 NAG G . -3.17 -16.13 20.93
O7 NAG G . 0.03 -20.87 26.54
C1 NAG G . 1.33 -16.48 20.40
C2 NAG G . 2.04 -15.16 20.08
C3 NAG G . 2.54 -15.16 18.64
C4 NAG G . 3.39 -16.40 18.37
C5 NAG G . 2.63 -17.67 18.76
C6 NAG G . 3.46 -18.92 18.64
C7 NAG G . 1.10 -13.39 21.49
C8 NAG G . 0.15 -12.24 21.56
N2 NAG G . 1.17 -14.02 20.32
O3 NAG G . 3.30 -13.99 18.40
O4 NAG G . 3.72 -16.47 16.99
O5 NAG G . 2.21 -17.58 20.13
O6 NAG G . 2.65 -20.09 18.65
O7 NAG G . 1.77 -13.74 22.46
C1 FUC G . -3.61 -15.93 19.55
C2 FUC G . -2.52 -15.51 18.48
C3 FUC G . -1.51 -16.63 18.16
C4 FUC G . -2.25 -17.93 17.83
C5 FUC G . -3.27 -18.25 18.92
C6 FUC G . -4.10 -19.49 18.60
O2 FUC G . -1.87 -14.24 18.72
O3 FUC G . -0.72 -16.29 17.03
O4 FUC G . -2.92 -17.80 16.58
O5 FUC G . -4.20 -17.16 19.13
#